data_5ZZW
#
_entry.id   5ZZW
#
_cell.length_a   72.950
_cell.length_b   103.540
_cell.length_c   192.500
_cell.angle_alpha   90.00
_cell.angle_beta   90.00
_cell.angle_gamma   90.00
#
_symmetry.space_group_name_H-M   'P 21 21 21'
#
loop_
_entity.id
_entity.type
_entity.pdbx_description
1 polymer 'Protein arginine methyltransferase NDUFAF7 homolog, mitochondrial'
2 non-polymer S-ADENOSYL-L-HOMOCYSTEINE
3 water water
#
_entity_poly.entity_id   1
_entity_poly.type   'polypeptide(L)'
_entity_poly.pdbx_seq_one_letter_code
;GPLGSKQVFKNRKYPITDFEKYLQDITKVRGPMSIDTFIKEVLTNPKYGYYMNKDVFGKGGDFITAPEVSQLFGEMIGIW
CVATWEAMGKPKKLQIVEMGPGRGTLMKDILRSTKVFKEFYDSISVHLVEASPANKKTQKQNLLYFKDKAINFDHKTIGE
TPNGIKVTWVGKLEEVPTDIPTLFLAQEFFDALPIHVFRFSREKNDWCEVLVDEDITEHGEYYLRFVQSKGPTLMTTAVK
HLLPEFGLDGYQVELGLAGLAISQQIANRIDKSGGAALIIDYGYDKIVKSSLQAIRDHEFVDILDKPGTADLSVWVDFQT
IRKTVKLLKNKSTAIGPVDQGIFLKEMGIEHRLAQIGRKLDSNEKFEELVMGYKKLVDPKEMGTNYKVITICDKNITPIG
FSTSKTYDDEDLMI
;
_entity_poly.pdbx_strand_id   B,A,C
#
# COMPACT_ATOMS: atom_id res chain seq x y z
N LYS A 13 -39.04 -9.71 35.56
CA LYS A 13 -38.25 -9.32 36.77
C LYS A 13 -36.82 -9.83 36.64
N TYR A 14 -36.65 -11.14 36.49
CA TYR A 14 -35.35 -11.81 36.30
C TYR A 14 -35.20 -12.15 34.79
N PRO A 15 -34.07 -12.72 34.33
CA PRO A 15 -32.82 -12.86 35.09
C PRO A 15 -31.66 -12.10 34.45
N ILE A 16 -30.55 -12.01 35.17
CA ILE A 16 -29.45 -11.09 34.83
C ILE A 16 -28.55 -11.66 33.71
N THR A 17 -28.29 -10.85 32.69
CA THR A 17 -27.46 -11.27 31.54
C THR A 17 -25.97 -10.99 31.76
N ASP A 18 -25.13 -11.68 30.99
CA ASP A 18 -23.67 -11.48 31.05
C ASP A 18 -23.26 -10.04 30.77
N PHE A 19 -23.96 -9.40 29.84
CA PHE A 19 -23.68 -8.04 29.45
C PHE A 19 -24.15 -7.03 30.49
N GLU A 20 -25.27 -7.33 31.15
CA GLU A 20 -25.78 -6.48 32.23
C GLU A 20 -24.93 -6.55 33.50
N LYS A 21 -24.17 -7.64 33.69
CA LYS A 21 -23.19 -7.71 34.79
C LYS A 21 -21.94 -6.89 34.45
N TYR A 22 -21.50 -6.95 33.19
CA TYR A 22 -20.35 -6.14 32.76
C TYR A 22 -20.67 -4.65 32.85
N LEU A 23 -21.88 -4.27 32.44
CA LEU A 23 -22.33 -2.88 32.45
C LEU A 23 -22.67 -2.37 33.85
N GLN A 24 -23.14 -3.26 34.71
CA GLN A 24 -23.33 -2.93 36.12
C GLN A 24 -21.99 -2.75 36.83
N ASP A 25 -20.94 -3.40 36.33
CA ASP A 25 -19.62 -3.29 36.94
C ASP A 25 -18.96 -1.94 36.67
N ILE A 26 -19.12 -1.46 35.43
CA ILE A 26 -18.67 -0.12 35.06
C ILE A 26 -19.25 0.94 36.01
N THR A 27 -20.51 0.74 36.41
CA THR A 27 -21.19 1.73 37.24
C THR A 27 -20.70 1.70 38.67
N LYS A 28 -20.27 0.53 39.14
CA LYS A 28 -19.76 0.38 40.50
C LYS A 28 -18.42 1.09 40.65
N VAL A 29 -17.55 0.90 39.66
CA VAL A 29 -16.18 1.41 39.72
C VAL A 29 -16.08 2.88 39.33
N ARG A 30 -16.76 3.28 38.26
CA ARG A 30 -16.64 4.62 37.68
C ARG A 30 -17.87 5.51 37.93
N GLY A 31 -18.91 4.97 38.56
CA GLY A 31 -20.15 5.70 38.76
C GLY A 31 -21.05 5.65 37.53
N PRO A 32 -22.27 6.18 37.64
CA PRO A 32 -23.22 6.10 36.52
C PRO A 32 -22.63 6.62 35.20
N MET A 33 -22.79 5.84 34.13
CA MET A 33 -22.24 6.12 32.81
C MET A 33 -23.19 7.02 31.99
N SER A 34 -22.67 7.66 30.96
CA SER A 34 -23.52 8.47 30.08
C SER A 34 -24.31 7.59 29.12
N ILE A 35 -25.42 8.12 28.62
CA ILE A 35 -26.23 7.49 27.57
C ILE A 35 -25.32 7.18 26.40
N ASP A 36 -24.41 8.10 26.12
CA ASP A 36 -23.37 7.93 25.08
C ASP A 36 -22.54 6.69 25.32
N THR A 37 -21.99 6.55 26.53
CA THR A 37 -21.20 5.37 26.88
C THR A 37 -22.08 4.14 26.80
N PHE A 38 -23.32 4.25 27.30
CA PHE A 38 -24.26 3.13 27.29
C PHE A 38 -24.53 2.61 25.87
N ILE A 39 -24.82 3.51 24.93
CA ILE A 39 -25.10 3.11 23.54
C ILE A 39 -23.83 2.60 22.86
N LYS A 40 -22.71 3.27 23.11
CA LYS A 40 -21.39 2.86 22.62
C LYS A 40 -21.11 1.41 22.99
N GLU A 41 -21.42 1.04 24.23
CA GLU A 41 -21.25 -0.34 24.70
C GLU A 41 -22.22 -1.30 24.01
N VAL A 42 -23.50 -0.96 23.99
CA VAL A 42 -24.53 -1.84 23.45
C VAL A 42 -24.29 -2.18 21.98
N LEU A 43 -23.87 -1.21 21.19
CA LEU A 43 -23.66 -1.39 19.75
C LEU A 43 -22.25 -1.90 19.38
N THR A 44 -21.23 -1.30 19.98
CA THR A 44 -19.83 -1.43 19.54
C THR A 44 -18.91 -2.17 20.53
N ASN A 45 -19.45 -2.74 21.60
CA ASN A 45 -18.61 -3.51 22.50
C ASN A 45 -18.19 -4.79 21.78
N PRO A 46 -16.88 -5.12 21.78
CA PRO A 46 -16.53 -6.56 21.61
C PRO A 46 -16.47 -7.24 22.99
N LYS A 47 -17.28 -8.26 23.32
CA LYS A 47 -18.00 -9.19 22.43
C LYS A 47 -19.53 -9.12 22.47
N TYR A 48 -20.11 -8.07 23.06
CA TYR A 48 -21.56 -8.00 23.32
C TYR A 48 -22.32 -7.05 22.37
N GLY A 49 -21.59 -6.30 21.55
CA GLY A 49 -22.17 -5.29 20.68
C GLY A 49 -23.19 -5.83 19.69
N TYR A 50 -24.27 -5.10 19.49
CA TYR A 50 -25.32 -5.47 18.55
C TYR A 50 -24.74 -5.65 17.15
N TYR A 51 -23.96 -4.69 16.70
CA TYR A 51 -23.16 -4.89 15.48
C TYR A 51 -21.99 -5.80 15.86
N MET A 52 -21.26 -6.31 14.88
CA MET A 52 -20.20 -7.31 15.06
C MET A 52 -20.66 -8.64 15.69
N ASN A 53 -21.24 -8.61 16.89
CA ASN A 53 -21.79 -9.85 17.49
C ASN A 53 -23.27 -10.08 17.11
N LYS A 54 -23.56 -11.28 16.59
CA LYS A 54 -24.94 -11.68 16.22
C LYS A 54 -25.64 -10.72 15.23
N ASP A 55 -26.90 -10.99 14.92
CA ASP A 55 -27.64 -10.37 13.78
C ASP A 55 -26.88 -10.29 12.43
N VAL A 56 -25.85 -11.12 12.28
CA VAL A 56 -25.04 -11.21 11.06
C VAL A 56 -24.74 -12.67 10.73
N PHE A 57 -23.49 -13.14 10.84
CA PHE A 57 -23.09 -14.48 10.39
C PHE A 57 -23.34 -14.64 8.88
N GLY A 58 -23.10 -13.56 8.14
CA GLY A 58 -23.39 -13.48 6.70
C GLY A 58 -23.53 -12.04 6.27
N LYS A 59 -24.45 -11.77 5.35
CA LYS A 59 -24.67 -10.41 4.85
C LYS A 59 -25.72 -9.66 5.67
N GLY A 60 -25.61 -9.73 7.00
CA GLY A 60 -26.59 -9.14 7.89
C GLY A 60 -27.93 -9.84 7.80
N GLY A 61 -28.76 -9.39 6.86
CA GLY A 61 -30.15 -9.86 6.72
C GLY A 61 -31.10 -8.71 7.00
N ASP A 62 -31.35 -8.47 8.29
CA ASP A 62 -32.06 -7.27 8.75
C ASP A 62 -31.29 -5.96 8.44
N PHE A 63 -31.26 -5.61 7.15
CA PHE A 63 -30.64 -4.36 6.67
C PHE A 63 -31.61 -3.49 5.86
N ILE A 64 -32.92 -3.69 6.02
CA ILE A 64 -33.95 -3.05 5.17
C ILE A 64 -33.82 -1.51 5.13
N THR A 65 -32.91 -1.05 4.28
CA THR A 65 -32.54 0.35 4.16
C THR A 65 -32.73 0.85 2.72
N ALA A 66 -32.57 2.16 2.52
CA ALA A 66 -32.86 2.78 1.21
C ALA A 66 -32.14 2.15 0.01
N PRO A 67 -30.83 1.84 0.15
CA PRO A 67 -30.12 1.12 -0.90
C PRO A 67 -30.68 -0.27 -1.18
N GLU A 68 -31.15 -0.95 -0.14
CA GLU A 68 -31.69 -2.30 -0.26
C GLU A 68 -33.08 -2.29 -0.88
N VAL A 69 -33.80 -1.17 -0.80
CA VAL A 69 -35.12 -1.04 -1.42
C VAL A 69 -35.02 -1.03 -2.95
N SER A 70 -34.03 -0.31 -3.48
CA SER A 70 -33.99 -0.01 -4.90
C SER A 70 -32.60 0.39 -5.30
N GLN A 71 -32.11 -0.19 -6.39
CA GLN A 71 -30.93 0.30 -7.12
C GLN A 71 -31.08 1.77 -7.54
N LEU A 72 -32.33 2.20 -7.72
CA LEU A 72 -32.67 3.61 -7.98
C LEU A 72 -32.00 4.54 -7.00
N PHE A 73 -31.95 4.14 -5.73
CA PHE A 73 -31.34 4.97 -4.71
C PHE A 73 -29.86 5.11 -5.01
N GLY A 74 -29.16 3.99 -5.11
CA GLY A 74 -27.71 4.00 -5.41
C GLY A 74 -27.35 4.77 -6.65
N GLU A 75 -28.18 4.67 -7.68
CA GLU A 75 -27.95 5.37 -8.94
C GLU A 75 -28.07 6.88 -8.80
N MET A 76 -29.06 7.36 -8.06
CA MET A 76 -29.20 8.78 -7.81
C MET A 76 -28.03 9.33 -7.01
N ILE A 77 -27.62 8.61 -5.96
CA ILE A 77 -26.44 9.00 -5.18
C ILE A 77 -25.20 9.05 -6.06
N GLY A 78 -25.11 8.10 -7.01
CA GLY A 78 -24.04 8.10 -8.02
C GLY A 78 -24.07 9.32 -8.93
N ILE A 79 -25.26 9.72 -9.38
CA ILE A 79 -25.40 10.92 -10.19
C ILE A 79 -24.95 12.15 -9.37
N TRP A 80 -25.26 12.13 -8.07
CA TRP A 80 -24.83 13.20 -7.19
C TRP A 80 -23.32 13.28 -7.08
N CYS A 81 -22.67 12.13 -6.88
CA CYS A 81 -21.20 12.09 -6.83
C CYS A 81 -20.57 12.67 -8.09
N VAL A 82 -21.13 12.35 -9.26
CA VAL A 82 -20.56 12.81 -10.52
C VAL A 82 -20.81 14.30 -10.70
N ALA A 83 -22.06 14.72 -10.47
CA ALA A 83 -22.44 16.12 -10.59
C ALA A 83 -21.62 16.98 -9.64
N THR A 84 -21.41 16.51 -8.42
CA THR A 84 -20.63 17.24 -7.41
C THR A 84 -19.14 17.31 -7.80
N TRP A 85 -18.61 16.19 -8.29
CA TRP A 85 -17.27 16.16 -8.87
C TRP A 85 -17.14 17.22 -9.98
N GLU A 86 -18.16 17.32 -10.84
CA GLU A 86 -18.18 18.33 -11.90
C GLU A 86 -18.13 19.76 -11.34
N ALA A 87 -18.94 20.03 -10.32
CA ALA A 87 -19.01 21.37 -9.71
C ALA A 87 -17.74 21.73 -8.95
N MET A 88 -17.06 20.72 -8.41
CA MET A 88 -15.77 20.92 -7.77
C MET A 88 -14.66 21.27 -8.78
N GLY A 89 -14.86 20.91 -10.04
CA GLY A 89 -13.93 21.24 -11.13
C GLY A 89 -13.20 20.04 -11.71
N LYS A 90 -13.89 18.90 -11.75
CA LYS A 90 -13.33 17.65 -12.25
C LYS A 90 -11.91 17.36 -11.77
N PRO A 91 -11.70 17.32 -10.43
CA PRO A 91 -10.36 17.03 -9.93
C PRO A 91 -9.79 15.73 -10.49
N LYS A 92 -8.49 15.72 -10.71
CA LYS A 92 -7.81 14.59 -11.33
C LYS A 92 -7.85 13.36 -10.40
N LYS A 93 -7.74 13.60 -9.11
CA LYS A 93 -7.83 12.55 -8.09
C LYS A 93 -8.94 12.92 -7.09
N LEU A 94 -9.82 11.97 -6.80
CA LEU A 94 -10.98 12.20 -5.94
C LEU A 94 -11.19 10.99 -5.03
N GLN A 95 -11.40 11.26 -3.73
CA GLN A 95 -11.73 10.21 -2.77
C GLN A 95 -13.23 10.15 -2.53
N ILE A 96 -13.75 8.94 -2.41
CA ILE A 96 -15.14 8.73 -2.02
C ILE A 96 -15.14 7.91 -0.73
N VAL A 97 -15.64 8.53 0.34
CA VAL A 97 -15.69 7.91 1.65
C VAL A 97 -17.12 7.53 1.98
N GLU A 98 -17.35 6.29 2.39
CA GLU A 98 -18.64 5.94 2.96
C GLU A 98 -18.45 5.60 4.43
N MET A 99 -19.29 6.22 5.26
CA MET A 99 -19.35 5.92 6.69
C MET A 99 -20.44 4.87 6.87
N GLY A 100 -20.11 3.77 7.52
CA GLY A 100 -21.08 2.72 7.76
C GLY A 100 -21.76 2.17 6.52
N PRO A 101 -20.98 1.54 5.62
CA PRO A 101 -21.52 1.05 4.35
C PRO A 101 -22.50 -0.12 4.41
N GLY A 102 -22.60 -0.82 5.54
CA GLY A 102 -23.54 -1.94 5.64
C GLY A 102 -23.06 -3.15 4.87
N ARG A 103 -23.88 -3.61 3.92
CA ARG A 103 -23.53 -4.71 3.02
C ARG A 103 -22.63 -4.25 1.88
N GLY A 104 -22.48 -2.93 1.74
CA GLY A 104 -21.76 -2.34 0.63
C GLY A 104 -22.68 -2.13 -0.58
N THR A 105 -23.98 -2.41 -0.43
CA THR A 105 -24.90 -2.36 -1.54
C THR A 105 -24.96 -0.97 -2.18
N LEU A 106 -24.99 0.08 -1.37
CA LEU A 106 -25.01 1.44 -1.92
C LEU A 106 -23.78 1.71 -2.78
N MET A 107 -22.61 1.37 -2.26
CA MET A 107 -21.36 1.61 -2.97
C MET A 107 -21.32 0.78 -4.26
N LYS A 108 -21.83 -0.44 -4.19
CA LYS A 108 -21.86 -1.30 -5.35
C LYS A 108 -22.68 -0.71 -6.49
N ASP A 109 -23.83 -0.11 -6.15
CA ASP A 109 -24.67 0.51 -7.16
C ASP A 109 -23.98 1.73 -7.75
N ILE A 110 -23.32 2.50 -6.90
CA ILE A 110 -22.62 3.71 -7.33
C ILE A 110 -21.57 3.35 -8.35
N LEU A 111 -20.74 2.37 -8.01
CA LEU A 111 -19.60 1.98 -8.86
C LEU A 111 -20.04 1.32 -10.14
N ARG A 112 -21.18 0.61 -10.08
CA ARG A 112 -21.78 0.01 -11.27
C ARG A 112 -22.33 1.08 -12.21
N SER A 113 -23.07 2.02 -11.63
CA SER A 113 -23.81 3.02 -12.39
C SER A 113 -22.95 4.18 -12.91
N THR A 114 -21.85 4.50 -12.23
CA THR A 114 -21.00 5.61 -12.65
C THR A 114 -19.87 5.20 -13.60
N LYS A 115 -19.83 3.93 -14.01
CA LYS A 115 -18.75 3.44 -14.86
C LYS A 115 -18.71 4.15 -16.22
N VAL A 116 -19.89 4.45 -16.76
CA VAL A 116 -20.00 5.13 -18.07
C VAL A 116 -19.32 6.51 -18.08
N PHE A 117 -19.22 7.16 -16.93
CA PHE A 117 -18.58 8.48 -16.82
C PHE A 117 -17.07 8.27 -16.70
N LYS A 118 -16.46 7.95 -17.85
CA LYS A 118 -15.07 7.53 -17.92
C LYS A 118 -14.09 8.45 -17.18
N GLU A 119 -14.23 9.77 -17.39
CA GLU A 119 -13.30 10.72 -16.78
C GLU A 119 -13.45 10.73 -15.26
N PHE A 120 -14.70 10.73 -14.80
CA PHE A 120 -15.01 10.61 -13.37
C PHE A 120 -14.47 9.32 -12.80
N TYR A 121 -14.75 8.21 -13.47
CA TYR A 121 -14.42 6.90 -12.95
C TYR A 121 -12.90 6.71 -12.81
N ASP A 122 -12.14 7.37 -13.67
CA ASP A 122 -10.67 7.26 -13.64
C ASP A 122 -10.04 8.05 -12.52
N SER A 123 -10.78 8.99 -11.93
CA SER A 123 -10.23 9.82 -10.87
C SER A 123 -10.51 9.29 -9.46
N ILE A 124 -11.41 8.31 -9.31
CA ILE A 124 -11.88 7.89 -7.99
C ILE A 124 -11.13 6.72 -7.36
N SER A 125 -10.92 6.81 -6.05
CA SER A 125 -10.69 5.67 -5.19
C SER A 125 -11.71 5.73 -4.05
N VAL A 126 -11.91 4.60 -3.37
CA VAL A 126 -12.93 4.49 -2.32
C VAL A 126 -12.31 4.16 -0.97
N HIS A 127 -12.87 4.78 0.07
CA HIS A 127 -12.50 4.49 1.44
C HIS A 127 -13.76 4.21 2.23
N LEU A 128 -13.88 3.00 2.74
CA LEU A 128 -15.02 2.62 3.55
C LEU A 128 -14.59 2.67 5.00
N VAL A 129 -15.33 3.44 5.81
CA VAL A 129 -15.08 3.52 7.25
C VAL A 129 -16.06 2.59 7.93
N GLU A 130 -15.56 1.63 8.68
CA GLU A 130 -16.41 0.56 9.19
C GLU A 130 -15.74 -0.13 10.38
N ALA A 131 -16.50 -0.29 11.45
CA ALA A 131 -15.96 -0.80 12.70
C ALA A 131 -16.25 -2.29 12.92
N SER A 132 -17.26 -2.81 12.24
CA SER A 132 -17.71 -4.19 12.44
C SER A 132 -16.98 -5.14 11.51
N PRO A 133 -16.22 -6.10 12.07
CA PRO A 133 -15.57 -7.07 11.18
C PRO A 133 -16.55 -7.84 10.28
N ALA A 134 -17.74 -8.14 10.80
CA ALA A 134 -18.76 -8.87 10.04
C ALA A 134 -19.26 -8.07 8.85
N ASN A 135 -19.48 -6.78 9.07
CA ASN A 135 -19.93 -5.93 7.99
C ASN A 135 -18.77 -5.64 7.04
N LYS A 136 -17.56 -5.60 7.58
CA LYS A 136 -16.37 -5.46 6.74
C LYS A 136 -16.26 -6.68 5.81
N LYS A 137 -16.49 -7.87 6.36
CA LYS A 137 -16.39 -9.09 5.57
C LYS A 137 -17.45 -9.13 4.48
N THR A 138 -18.68 -8.70 4.79
CA THR A 138 -19.73 -8.78 3.79
C THR A 138 -19.41 -7.83 2.65
N GLN A 139 -19.01 -6.60 3.00
CA GLN A 139 -18.61 -5.57 2.05
C GLN A 139 -17.52 -6.06 1.08
N LYS A 140 -16.52 -6.75 1.59
CA LYS A 140 -15.42 -7.25 0.77
C LYS A 140 -15.85 -8.39 -0.18
N GLN A 141 -16.64 -9.31 0.33
CA GLN A 141 -17.08 -10.39 -0.51
C GLN A 141 -17.77 -9.73 -1.64
N ASN A 142 -18.63 -8.80 -1.31
CA ASN A 142 -19.32 -8.06 -2.33
C ASN A 142 -18.23 -7.15 -2.76
N LEU A 143 -18.46 -6.36 -3.79
CA LEU A 143 -17.48 -5.38 -4.20
C LEU A 143 -16.09 -5.76 -4.71
N LEU A 144 -15.45 -6.77 -4.15
CA LEU A 144 -14.06 -7.06 -4.56
C LEU A 144 -13.90 -8.16 -5.58
N TYR A 145 -12.90 -7.99 -6.44
CA TYR A 145 -12.51 -9.01 -7.41
C TYR A 145 -11.33 -9.75 -6.86
N PHE A 146 -11.44 -11.07 -6.75
CA PHE A 146 -10.36 -11.89 -6.19
C PHE A 146 -9.66 -12.71 -7.31
N LYS A 147 -8.36 -12.47 -7.45
CA LYS A 147 -7.59 -12.89 -8.64
C LYS A 147 -6.84 -14.17 -8.32
N ASP A 148 -6.21 -14.15 -7.16
CA ASP A 148 -5.62 -15.32 -6.52
C ASP A 148 -6.31 -15.56 -5.17
N LYS A 149 -6.22 -16.80 -4.70
CA LYS A 149 -6.66 -17.18 -3.34
C LYS A 149 -5.68 -16.58 -2.35
N ALA A 150 -5.43 -17.17 -1.18
CA ALA A 150 -4.37 -16.68 -0.30
C ALA A 150 -4.39 -15.16 -0.09
N ILE A 151 -5.57 -14.68 0.25
CA ILE A 151 -5.75 -13.31 0.73
C ILE A 151 -5.93 -13.39 2.22
N ASN A 152 -5.08 -12.67 2.97
CA ASN A 152 -5.26 -12.56 4.40
C ASN A 152 -6.29 -11.48 4.70
N PHE A 153 -7.40 -11.87 5.32
CA PHE A 153 -8.64 -11.09 5.27
C PHE A 153 -8.55 -9.73 6.00
N ASP A 154 -7.84 -9.73 7.13
CA ASP A 154 -7.76 -8.54 7.99
C ASP A 154 -6.46 -7.76 7.79
N HIS A 155 -5.37 -8.44 7.46
CA HIS A 155 -4.05 -7.78 7.47
C HIS A 155 -3.96 -6.87 6.25
N LYS A 156 -4.27 -7.43 5.09
CA LYS A 156 -4.48 -6.66 3.85
C LYS A 156 -5.79 -5.83 3.90
N THR A 157 -5.67 -4.54 4.20
CA THR A 157 -6.81 -3.65 4.36
C THR A 157 -7.27 -3.00 3.05
N ILE A 158 -6.71 -3.43 1.91
CA ILE A 158 -6.99 -2.85 0.59
C ILE A 158 -7.32 -3.94 -0.43
N GLY A 159 -8.11 -3.57 -1.44
CA GLY A 159 -8.51 -4.49 -2.50
C GLY A 159 -8.90 -3.70 -3.75
N GLU A 160 -9.34 -4.42 -4.77
CA GLU A 160 -9.65 -3.79 -6.05
C GLU A 160 -10.96 -4.35 -6.58
N THR A 161 -11.76 -3.47 -7.15
CA THR A 161 -13.08 -3.84 -7.66
C THR A 161 -12.92 -4.56 -9.01
N PRO A 162 -13.98 -5.21 -9.52
CA PRO A 162 -13.85 -5.85 -10.84
C PRO A 162 -13.57 -4.90 -12.00
N ASN A 163 -13.97 -3.64 -11.85
CA ASN A 163 -13.56 -2.57 -12.76
C ASN A 163 -12.25 -1.85 -12.39
N GLY A 164 -11.46 -2.42 -11.49
CA GLY A 164 -10.14 -1.86 -11.15
C GLY A 164 -10.10 -0.68 -10.19
N ILE A 165 -11.26 -0.26 -9.67
CA ILE A 165 -11.33 0.80 -8.66
C ILE A 165 -10.79 0.31 -7.32
N LYS A 166 -9.96 1.13 -6.69
CA LYS A 166 -9.31 0.77 -5.44
C LYS A 166 -10.21 1.09 -4.22
N VAL A 167 -10.35 0.10 -3.34
CA VAL A 167 -11.14 0.24 -2.12
C VAL A 167 -10.27 -0.10 -0.91
N THR A 168 -10.17 0.83 0.03
CA THR A 168 -9.41 0.61 1.25
C THR A 168 -10.37 0.68 2.45
N TRP A 169 -10.27 -0.31 3.35
CA TRP A 169 -11.06 -0.31 4.59
C TRP A 169 -10.27 0.29 5.74
N VAL A 170 -10.95 1.09 6.55
CA VAL A 170 -10.37 1.77 7.71
C VAL A 170 -11.39 1.72 8.84
N GLY A 171 -10.92 1.83 10.07
CA GLY A 171 -11.82 1.76 11.24
C GLY A 171 -12.45 3.08 11.63
N LYS A 172 -11.77 4.19 11.32
CA LYS A 172 -12.18 5.53 11.72
C LYS A 172 -11.96 6.54 10.61
N LEU A 173 -12.74 7.62 10.61
CA LEU A 173 -12.58 8.67 9.62
C LEU A 173 -11.17 9.26 9.63
N GLU A 174 -10.57 9.39 10.80
CA GLU A 174 -9.25 9.98 10.98
C GLU A 174 -8.13 9.35 10.15
N GLU A 175 -8.29 8.09 9.79
CA GLU A 175 -7.25 7.35 9.05
C GLU A 175 -7.29 7.60 7.54
N VAL A 176 -8.38 8.14 7.03
CA VAL A 176 -8.50 8.47 5.61
C VAL A 176 -7.48 9.54 5.24
N PRO A 177 -6.79 9.37 4.10
CA PRO A 177 -5.87 10.41 3.67
C PRO A 177 -6.51 11.79 3.61
N THR A 178 -5.68 12.80 3.83
CA THR A 178 -6.09 14.18 3.86
C THR A 178 -5.42 14.84 2.67
N ASP A 179 -5.85 16.04 2.28
CA ASP A 179 -5.18 16.77 1.17
C ASP A 179 -5.47 16.14 -0.20
N ILE A 180 -6.59 15.41 -0.28
CA ILE A 180 -7.15 15.00 -1.56
C ILE A 180 -8.63 15.35 -1.53
N PRO A 181 -9.15 15.99 -2.59
CA PRO A 181 -10.59 16.24 -2.67
C PRO A 181 -11.41 14.99 -2.32
N THR A 182 -12.44 15.15 -1.48
CA THR A 182 -13.18 14.01 -0.94
C THR A 182 -14.69 14.21 -0.91
N LEU A 183 -15.42 13.23 -1.45
CA LEU A 183 -16.86 13.09 -1.20
C LEU A 183 -17.05 12.17 0.00
N PHE A 184 -18.02 12.50 0.86
CA PHE A 184 -18.34 11.71 2.06
C PHE A 184 -19.80 11.28 1.98
N LEU A 185 -20.06 9.98 2.16
CA LEU A 185 -21.42 9.45 2.15
C LEU A 185 -21.73 8.78 3.49
N ALA A 186 -22.83 9.20 4.10
CA ALA A 186 -23.26 8.65 5.38
C ALA A 186 -24.77 8.42 5.33
N GLN A 187 -25.15 7.15 5.21
CA GLN A 187 -26.54 6.78 4.97
C GLN A 187 -26.99 5.80 6.03
N GLU A 188 -27.91 6.25 6.89
CA GLU A 188 -28.32 5.55 8.08
C GLU A 188 -27.12 5.19 8.94
N PHE A 189 -26.19 6.14 8.98
CA PHE A 189 -25.00 6.02 9.81
C PHE A 189 -25.16 6.83 11.10
N PHE A 190 -25.57 8.08 10.96
CA PHE A 190 -25.78 8.99 12.09
C PHE A 190 -26.83 8.53 13.11
N ASP A 191 -27.89 7.86 12.67
CA ASP A 191 -28.91 7.34 13.62
C ASP A 191 -28.40 6.21 14.54
N ALA A 192 -27.25 5.62 14.20
CA ALA A 192 -26.63 4.56 14.98
C ALA A 192 -25.46 5.07 15.82
N LEU A 193 -25.24 6.37 15.80
CA LEU A 193 -24.18 6.94 16.65
C LEU A 193 -24.70 7.17 18.06
N PRO A 194 -23.80 7.11 19.07
CA PRO A 194 -24.26 7.40 20.43
C PRO A 194 -24.67 8.85 20.60
N ILE A 195 -25.61 9.09 21.51
CA ILE A 195 -26.06 10.43 21.85
C ILE A 195 -25.88 10.62 23.36
N HIS A 196 -25.89 11.88 23.78
CA HIS A 196 -26.06 12.21 25.19
C HIS A 196 -27.49 12.72 25.36
N VAL A 197 -28.03 12.54 26.55
CA VAL A 197 -29.34 13.10 26.88
C VAL A 197 -29.19 14.09 28.04
N PHE A 198 -29.70 15.30 27.82
CA PHE A 198 -29.63 16.35 28.82
C PHE A 198 -31.02 16.77 29.30
N ARG A 199 -31.10 17.13 30.57
CA ARG A 199 -32.36 17.56 31.18
C ARG A 199 -32.12 18.81 32.01
N PHE A 200 -33.01 19.79 31.86
CA PHE A 200 -32.94 21.04 32.63
C PHE A 200 -33.40 20.81 34.07
N SER A 201 -32.66 21.36 35.02
CA SER A 201 -33.09 21.38 36.42
C SER A 201 -33.18 22.84 36.90
N ARG A 202 -34.38 23.26 37.33
CA ARG A 202 -34.57 24.61 37.88
C ARG A 202 -33.78 24.77 39.19
N GLU A 203 -33.69 23.70 39.97
CA GLU A 203 -32.99 23.70 41.25
C GLU A 203 -31.52 24.11 41.09
N LYS A 204 -30.83 23.47 40.14
CA LYS A 204 -29.47 23.87 39.78
C LYS A 204 -29.50 25.08 38.84
N ASN A 205 -30.67 25.31 38.24
CA ASN A 205 -30.86 26.35 37.22
C ASN A 205 -29.79 26.21 36.14
N ASP A 206 -29.69 24.98 35.65
CA ASP A 206 -28.63 24.55 34.74
C ASP A 206 -29.06 23.22 34.16
N TRP A 207 -28.29 22.74 33.19
CA TRP A 207 -28.56 21.45 32.59
C TRP A 207 -27.86 20.34 33.38
N CYS A 208 -28.54 19.20 33.45
CA CYS A 208 -28.00 17.96 34.01
C CYS A 208 -28.00 16.90 32.91
N GLU A 209 -27.19 15.86 33.09
CA GLU A 209 -27.14 14.77 32.13
C GLU A 209 -27.85 13.54 32.67
N VAL A 210 -28.65 12.90 31.81
CA VAL A 210 -29.30 11.64 32.17
C VAL A 210 -28.26 10.56 32.02
N LEU A 211 -28.08 9.77 33.06
CA LEU A 211 -27.05 8.74 33.11
C LEU A 211 -27.70 7.37 33.32
N VAL A 212 -26.92 6.31 33.13
CA VAL A 212 -27.36 4.93 33.36
C VAL A 212 -26.56 4.36 34.52
N ASP A 213 -27.28 3.88 35.53
CA ASP A 213 -26.66 3.33 36.73
C ASP A 213 -27.19 1.91 37.00
N GLU A 214 -26.61 1.29 38.02
CA GLU A 214 -27.11 0.05 38.60
C GLU A 214 -28.60 0.24 38.90
N ASP A 215 -29.32 -0.86 39.04
CA ASP A 215 -30.61 -0.82 39.72
C ASP A 215 -30.64 -1.98 40.70
N ILE A 216 -30.54 -1.62 41.98
CA ILE A 216 -30.52 -2.58 43.07
C ILE A 216 -31.57 -2.16 44.10
N THR A 217 -32.63 -1.49 43.62
CA THR A 217 -33.80 -1.22 44.43
C THR A 217 -34.61 -2.52 44.60
N GLU A 218 -35.60 -2.49 45.49
CA GLU A 218 -36.47 -3.65 45.68
C GLU A 218 -37.24 -3.96 44.39
N HIS A 219 -38.06 -3.02 43.94
CA HIS A 219 -38.87 -3.23 42.74
C HIS A 219 -38.18 -2.72 41.49
N GLY A 220 -36.85 -2.83 41.47
CA GLY A 220 -36.08 -2.43 40.30
C GLY A 220 -36.44 -3.32 39.14
N GLU A 221 -37.17 -2.78 38.18
CA GLU A 221 -37.66 -3.52 37.04
C GLU A 221 -36.66 -4.17 36.09
N TYR A 222 -35.48 -3.60 35.88
CA TYR A 222 -34.56 -4.18 34.90
C TYR A 222 -33.06 -4.29 35.21
N TYR A 223 -32.65 -4.10 36.45
CA TYR A 223 -31.22 -4.14 36.82
C TYR A 223 -30.57 -2.77 36.60
N LEU A 224 -30.77 -2.18 35.44
CA LEU A 224 -30.19 -0.85 35.19
C LEU A 224 -31.32 0.17 35.23
N ARG A 225 -30.98 1.44 35.44
CA ARG A 225 -31.99 2.49 35.53
C ARG A 225 -31.46 3.87 35.14
N PHE A 226 -32.37 4.72 34.67
CA PHE A 226 -32.02 6.09 34.32
C PHE A 226 -31.91 6.98 35.57
N VAL A 227 -30.70 7.48 35.84
CA VAL A 227 -30.50 8.45 36.91
C VAL A 227 -30.14 9.81 36.28
N GLN A 228 -29.89 10.82 37.13
CA GLN A 228 -29.61 12.19 36.69
C GLN A 228 -28.38 12.68 37.42
N SER A 229 -27.48 13.36 36.71
CA SER A 229 -26.28 13.93 37.32
C SER A 229 -26.66 15.03 38.30
N LYS A 230 -25.89 15.16 39.37
CA LYS A 230 -26.12 16.21 40.37
C LYS A 230 -25.82 17.58 39.73
N GLY A 231 -24.55 17.92 39.57
CA GLY A 231 -24.19 19.15 38.91
C GLY A 231 -24.13 18.96 37.42
N PRO A 232 -23.77 20.03 36.68
CA PRO A 232 -23.56 19.91 35.23
C PRO A 232 -22.25 19.20 34.87
N THR A 233 -22.35 18.17 34.03
CA THR A 233 -21.22 17.30 33.69
C THR A 233 -20.26 18.02 32.75
N LEU A 234 -19.15 17.37 32.40
CA LEU A 234 -18.22 17.91 31.41
C LEU A 234 -18.92 18.11 30.08
N MET A 235 -19.76 17.15 29.72
CA MET A 235 -20.42 17.19 28.43
C MET A 235 -21.47 18.28 28.36
N THR A 236 -22.25 18.46 29.45
CA THR A 236 -23.23 19.54 29.51
C THR A 236 -22.53 20.88 29.20
N THR A 237 -21.45 21.15 29.93
CA THR A 237 -20.71 22.40 29.80
C THR A 237 -20.11 22.53 28.41
N ALA A 238 -19.52 21.45 27.91
CA ALA A 238 -18.92 21.45 26.58
C ALA A 238 -19.91 21.90 25.51
N VAL A 239 -21.16 21.45 25.60
CA VAL A 239 -22.14 21.74 24.55
C VAL A 239 -23.19 22.81 24.92
N LYS A 240 -22.98 23.53 26.03
CA LYS A 240 -24.01 24.43 26.55
C LYS A 240 -24.50 25.47 25.55
N HIS A 241 -23.60 25.92 24.67
CA HIS A 241 -23.92 26.89 23.63
C HIS A 241 -24.72 26.30 22.46
N LEU A 242 -25.00 24.98 22.49
CA LEU A 242 -25.89 24.34 21.52
C LEU A 242 -27.23 23.95 22.15
N LEU A 243 -27.27 23.89 23.49
CA LEU A 243 -28.50 23.62 24.24
C LEU A 243 -29.38 24.87 24.30
N PRO A 244 -30.72 24.68 24.32
CA PRO A 244 -31.56 25.83 24.50
C PRO A 244 -31.27 26.55 25.81
N GLU A 245 -31.14 27.88 25.74
CA GLU A 245 -30.93 28.72 26.92
C GLU A 245 -32.24 28.74 27.73
N PHE A 246 -33.35 28.92 27.01
CA PHE A 246 -34.69 28.89 27.60
C PHE A 246 -34.98 27.44 28.00
N GLY A 247 -35.24 27.25 29.28
CA GLY A 247 -35.47 25.91 29.82
C GLY A 247 -36.54 25.87 30.91
N LEU A 248 -37.67 25.23 30.62
CA LEU A 248 -38.63 24.84 31.66
C LEU A 248 -38.04 23.67 32.44
N ASP A 249 -38.52 23.44 33.67
CA ASP A 249 -38.00 22.34 34.48
C ASP A 249 -38.32 21.00 33.82
N GLY A 250 -37.38 20.06 33.93
CA GLY A 250 -37.52 18.73 33.33
C GLY A 250 -37.43 18.69 31.81
N TYR A 251 -37.16 19.84 31.17
CA TYR A 251 -37.10 19.91 29.72
C TYR A 251 -35.89 19.09 29.26
N GLN A 252 -36.09 18.25 28.25
CA GLN A 252 -35.11 17.24 27.89
C GLN A 252 -34.78 17.23 26.40
N VAL A 253 -33.49 17.17 26.09
CA VAL A 253 -33.00 17.15 24.71
C VAL A 253 -31.97 16.04 24.53
N GLU A 254 -31.93 15.49 23.32
CA GLU A 254 -30.86 14.61 22.89
C GLU A 254 -29.84 15.41 22.07
N LEU A 255 -28.56 15.13 22.26
CA LEU A 255 -27.53 15.66 21.38
C LEU A 255 -26.53 14.61 20.95
N GLY A 256 -26.40 14.43 19.64
CA GLY A 256 -25.43 13.50 19.06
C GLY A 256 -24.06 14.13 18.91
N LEU A 257 -23.31 14.14 20.00
CA LEU A 257 -21.97 14.74 20.05
C LEU A 257 -20.99 13.96 19.18
N ALA A 258 -21.06 12.63 19.21
CA ALA A 258 -20.27 11.79 18.31
C ALA A 258 -20.42 12.25 16.86
N GLY A 259 -21.65 12.44 16.42
CA GLY A 259 -21.92 12.92 15.09
C GLY A 259 -21.44 14.35 14.82
N LEU A 260 -21.39 15.18 15.85
CA LEU A 260 -20.97 16.56 15.69
C LEU A 260 -19.46 16.59 15.48
N ALA A 261 -18.76 15.70 16.18
CA ALA A 261 -17.32 15.58 16.04
C ALA A 261 -16.97 15.15 14.61
N ILE A 262 -17.68 14.15 14.12
CA ILE A 262 -17.54 13.68 12.75
C ILE A 262 -17.86 14.81 11.75
N SER A 263 -18.92 15.57 12.03
CA SER A 263 -19.33 16.65 11.15
C SER A 263 -18.21 17.69 11.04
N GLN A 264 -17.53 17.94 12.16
CA GLN A 264 -16.43 18.90 12.23
C GLN A 264 -15.22 18.42 11.45
N GLN A 265 -14.93 17.12 11.51
CA GLN A 265 -13.80 16.53 10.77
C GLN A 265 -14.03 16.71 9.27
N ILE A 266 -15.22 16.34 8.82
CA ILE A 266 -15.63 16.49 7.43
C ILE A 266 -15.56 17.95 6.97
N ALA A 267 -16.13 18.85 7.75
CA ALA A 267 -16.13 20.28 7.41
C ALA A 267 -14.70 20.80 7.24
N ASN A 268 -13.80 20.36 8.12
CA ASN A 268 -12.41 20.78 8.06
C ASN A 268 -11.63 20.16 6.91
N ARG A 269 -11.93 18.91 6.59
CA ARG A 269 -11.33 18.25 5.42
C ARG A 269 -11.71 19.00 4.16
N ILE A 270 -13.00 19.33 4.04
CA ILE A 270 -13.50 20.08 2.90
C ILE A 270 -12.86 21.46 2.85
N ASP A 271 -12.69 22.10 4.00
CA ASP A 271 -12.04 23.40 4.09
C ASP A 271 -10.61 23.34 3.57
N LYS A 272 -9.89 22.28 3.94
CA LYS A 272 -8.49 22.14 3.57
C LYS A 272 -8.29 21.75 2.12
N SER A 273 -8.98 20.71 1.68
CA SER A 273 -8.71 20.09 0.38
C SER A 273 -9.91 20.01 -0.59
N GLY A 274 -11.05 20.57 -0.18
CA GLY A 274 -12.26 20.55 -1.00
C GLY A 274 -13.07 19.29 -0.83
N GLY A 275 -14.29 19.31 -1.36
CA GLY A 275 -15.18 18.15 -1.27
C GLY A 275 -16.61 18.50 -0.94
N ALA A 276 -17.38 17.46 -0.64
CA ALA A 276 -18.75 17.61 -0.23
C ALA A 276 -19.21 16.34 0.48
N ALA A 277 -20.09 16.47 1.47
CA ALA A 277 -20.65 15.33 2.16
C ALA A 277 -22.13 15.24 1.88
N LEU A 278 -22.67 14.03 1.89
CA LEU A 278 -24.10 13.79 1.77
C LEU A 278 -24.48 12.92 2.95
N ILE A 279 -25.29 13.48 3.85
CA ILE A 279 -25.75 12.79 5.05
C ILE A 279 -27.24 12.57 4.89
N ILE A 280 -27.63 11.30 4.89
CA ILE A 280 -29.00 10.88 4.64
C ILE A 280 -29.46 10.05 5.82
N ASP A 281 -30.58 10.43 6.41
CA ASP A 281 -31.09 9.72 7.56
C ASP A 281 -32.50 10.18 7.89
N TYR A 282 -33.16 9.42 8.74
CA TYR A 282 -34.39 9.90 9.33
C TYR A 282 -34.04 10.84 10.48
N GLY A 283 -34.80 11.92 10.59
CA GLY A 283 -34.50 12.99 11.55
C GLY A 283 -35.31 14.26 11.37
N TYR A 284 -34.93 15.30 12.11
CA TYR A 284 -35.70 16.54 12.17
C TYR A 284 -34.82 17.78 11.96
N ASP A 285 -35.44 18.84 11.43
CA ASP A 285 -34.76 20.13 11.30
C ASP A 285 -34.93 20.95 12.58
N LYS A 286 -34.90 20.29 13.72
CA LYS A 286 -34.99 20.94 15.03
C LYS A 286 -34.22 20.09 16.02
N ILE A 287 -34.04 20.60 17.23
CA ILE A 287 -33.43 19.79 18.30
C ILE A 287 -34.39 18.66 18.62
N VAL A 288 -33.86 17.46 18.84
CA VAL A 288 -34.71 16.31 19.11
C VAL A 288 -34.82 16.11 20.61
N LYS A 289 -36.04 16.14 21.13
CA LYS A 289 -36.29 16.00 22.56
C LYS A 289 -36.14 14.56 23.03
N SER A 290 -36.89 13.67 22.38
CA SER A 290 -36.89 12.26 22.70
C SER A 290 -37.11 11.41 21.44
N SER A 291 -36.14 10.56 21.13
CA SER A 291 -36.21 9.66 19.97
C SER A 291 -35.55 8.32 20.18
N LEU A 292 -34.53 8.23 21.02
CA LEU A 292 -33.86 6.99 21.29
C LEU A 292 -34.87 5.84 21.43
N GLN A 293 -34.77 4.87 20.52
CA GLN A 293 -35.70 3.74 20.50
C GLN A 293 -34.92 2.45 20.46
N ALA A 294 -35.53 1.41 21.02
CA ALA A 294 -34.97 0.08 21.00
C ALA A 294 -35.99 -0.85 20.37
N ILE A 295 -35.63 -1.48 19.26
CA ILE A 295 -36.52 -2.42 18.60
C ILE A 295 -35.97 -3.83 18.71
N ARG A 296 -36.87 -4.80 18.87
CA ARG A 296 -36.51 -6.21 18.98
C ARG A 296 -37.70 -7.08 18.57
N ASP A 297 -37.47 -8.07 17.72
CA ASP A 297 -38.53 -8.94 17.19
C ASP A 297 -39.72 -8.13 16.70
N HIS A 298 -39.44 -7.08 15.93
CA HIS A 298 -40.46 -6.22 15.33
C HIS A 298 -41.36 -5.50 16.36
N GLU A 299 -40.87 -5.30 17.58
CA GLU A 299 -41.63 -4.58 18.60
C GLU A 299 -40.72 -3.55 19.26
N PHE A 300 -41.31 -2.42 19.63
CA PHE A 300 -40.63 -1.43 20.45
C PHE A 300 -40.57 -1.97 21.86
N VAL A 301 -39.42 -1.83 22.49
CA VAL A 301 -39.19 -2.32 23.85
C VAL A 301 -38.37 -1.31 24.64
N ASP A 302 -38.29 -1.51 25.96
CA ASP A 302 -37.60 -0.56 26.82
C ASP A 302 -36.12 -0.61 26.56
N ILE A 303 -35.51 0.56 26.53
CA ILE A 303 -34.07 0.71 26.31
C ILE A 303 -33.28 -0.12 27.31
N LEU A 304 -33.78 -0.29 28.53
CA LEU A 304 -33.05 -1.06 29.53
C LEU A 304 -33.54 -2.51 29.66
N ASP A 305 -34.13 -3.05 28.60
CA ASP A 305 -34.65 -4.42 28.59
C ASP A 305 -33.68 -5.35 27.86
N LYS A 306 -32.84 -6.03 28.63
CA LYS A 306 -31.77 -6.88 28.10
C LYS A 306 -30.91 -6.14 27.08
N PRO A 307 -30.21 -5.09 27.53
CA PRO A 307 -29.40 -4.30 26.59
C PRO A 307 -28.47 -5.21 25.82
N GLY A 308 -28.25 -4.92 24.55
CA GLY A 308 -27.50 -5.81 23.67
C GLY A 308 -28.43 -6.57 22.73
N THR A 309 -29.59 -6.98 23.25
CA THR A 309 -30.55 -7.77 22.48
C THR A 309 -31.45 -6.97 21.53
N ALA A 310 -31.52 -5.65 21.70
CA ALA A 310 -32.30 -4.79 20.80
C ALA A 310 -31.41 -3.82 20.03
N ASP A 311 -31.88 -3.43 18.85
CA ASP A 311 -31.21 -2.42 18.03
C ASP A 311 -31.58 -1.04 18.56
N LEU A 312 -30.58 -0.23 18.87
CA LEU A 312 -30.81 1.13 19.34
C LEU A 312 -30.67 2.10 18.19
N SER A 313 -31.72 2.89 17.95
CA SER A 313 -31.66 3.93 16.94
C SER A 313 -32.07 5.27 17.54
N VAL A 314 -31.67 6.32 16.84
CA VAL A 314 -31.93 7.69 17.24
C VAL A 314 -32.47 8.41 16.03
N TRP A 315 -33.28 9.43 16.23
CA TRP A 315 -33.60 10.34 15.12
C TRP A 315 -32.58 11.48 15.07
N VAL A 316 -32.09 11.77 13.87
CA VAL A 316 -30.98 12.66 13.69
C VAL A 316 -31.39 14.13 13.78
N ASP A 317 -30.65 14.85 14.60
CA ASP A 317 -30.82 16.28 14.71
C ASP A 317 -29.97 16.93 13.63
N PHE A 318 -30.61 17.32 12.53
CA PHE A 318 -29.92 17.95 11.39
C PHE A 318 -29.56 19.41 11.69
N GLN A 319 -30.42 20.08 12.45
CA GLN A 319 -30.23 21.48 12.80
C GLN A 319 -28.91 21.72 13.54
N THR A 320 -28.60 20.93 14.56
CA THR A 320 -27.38 21.14 15.34
C THR A 320 -26.15 20.83 14.50
N ILE A 321 -26.25 19.83 13.61
CA ILE A 321 -25.16 19.55 12.68
C ILE A 321 -24.87 20.81 11.88
N ARG A 322 -25.91 21.40 11.31
CA ARG A 322 -25.76 22.56 10.44
C ARG A 322 -25.08 23.69 11.17
N LYS A 323 -25.63 24.03 12.33
CA LYS A 323 -25.07 25.11 13.16
C LYS A 323 -23.61 24.80 13.52
N THR A 324 -23.35 23.60 14.01
CA THR A 324 -22.01 23.21 14.44
C THR A 324 -20.97 23.46 13.35
N VAL A 325 -21.31 23.12 12.11
CA VAL A 325 -20.41 23.35 10.97
C VAL A 325 -20.17 24.84 10.80
N LYS A 326 -21.26 25.58 10.60
CA LYS A 326 -21.20 27.03 10.41
C LYS A 326 -20.40 27.71 11.51
N LEU A 327 -20.51 27.20 12.74
CA LEU A 327 -19.77 27.73 13.88
C LEU A 327 -18.25 27.56 13.79
N LEU A 328 -17.75 26.73 12.86
CA LEU A 328 -16.31 26.65 12.58
C LEU A 328 -15.80 27.88 11.86
N LYS A 329 -16.67 28.57 11.14
CA LYS A 329 -16.34 29.87 10.53
C LYS A 329 -15.12 29.80 9.60
N ASN A 330 -15.14 28.81 8.72
CA ASN A 330 -14.12 28.62 7.69
C ASN A 330 -14.82 28.51 6.32
N LYS A 331 -14.16 27.90 5.34
CA LYS A 331 -14.72 27.84 3.99
C LYS A 331 -15.92 26.89 3.84
N SER A 332 -16.18 26.06 4.85
CA SER A 332 -17.29 25.08 4.78
C SER A 332 -18.59 25.66 5.32
N THR A 333 -19.70 25.12 4.82
CA THR A 333 -21.02 25.44 5.31
C THR A 333 -21.83 24.14 5.34
N ALA A 334 -23.07 24.23 5.79
CA ALA A 334 -23.99 23.12 5.71
C ALA A 334 -25.32 23.58 5.11
N ILE A 335 -25.78 22.91 4.06
CA ILE A 335 -26.98 23.31 3.38
C ILE A 335 -27.99 22.17 3.46
N GLY A 336 -29.19 22.50 3.94
CA GLY A 336 -30.24 21.51 4.18
C GLY A 336 -30.75 21.58 5.61
N PRO A 337 -31.56 20.61 6.03
CA PRO A 337 -31.90 19.44 5.25
C PRO A 337 -33.00 19.65 4.20
N VAL A 338 -33.12 18.69 3.28
CA VAL A 338 -34.28 18.58 2.42
C VAL A 338 -34.83 17.16 2.49
N ASP A 339 -36.10 17.00 2.18
CA ASP A 339 -36.75 15.70 2.26
C ASP A 339 -36.16 14.73 1.22
N GLN A 340 -36.02 13.46 1.60
CA GLN A 340 -35.44 12.45 0.71
C GLN A 340 -36.20 12.39 -0.62
N GLY A 341 -37.52 12.42 -0.55
CA GLY A 341 -38.35 12.42 -1.74
C GLY A 341 -38.05 13.57 -2.68
N ILE A 342 -37.92 14.78 -2.13
CA ILE A 342 -37.68 15.98 -2.94
C ILE A 342 -36.28 15.93 -3.56
N PHE A 343 -35.31 15.43 -2.80
CA PHE A 343 -33.93 15.32 -3.26
C PHE A 343 -33.84 14.35 -4.45
N LEU A 344 -34.41 13.16 -4.29
CA LEU A 344 -34.34 12.10 -5.28
C LEU A 344 -35.01 12.48 -6.59
N LYS A 345 -36.14 13.16 -6.50
CA LYS A 345 -36.82 13.68 -7.70
C LYS A 345 -35.98 14.76 -8.39
N GLU A 346 -35.41 15.67 -7.60
CA GLU A 346 -34.54 16.72 -8.11
C GLU A 346 -33.25 16.18 -8.73
N MET A 347 -32.85 14.97 -8.37
CA MET A 347 -31.70 14.32 -9.01
C MET A 347 -32.09 13.56 -10.28
N GLY A 348 -33.38 13.42 -10.55
CA GLY A 348 -33.87 12.78 -11.77
C GLY A 348 -34.35 11.34 -11.63
N ILE A 349 -34.75 10.94 -10.43
CA ILE A 349 -35.14 9.55 -10.17
C ILE A 349 -36.30 9.05 -11.06
N GLU A 350 -37.20 9.92 -11.46
CA GLU A 350 -38.34 9.49 -12.31
C GLU A 350 -37.94 9.20 -13.74
N HIS A 351 -36.90 9.87 -14.21
CA HIS A 351 -36.33 9.58 -15.53
C HIS A 351 -35.70 8.17 -15.50
N ARG A 352 -34.95 7.87 -14.45
CA ARG A 352 -34.27 6.57 -14.33
C ARG A 352 -35.27 5.44 -14.10
N LEU A 353 -36.26 5.71 -13.26
CA LEU A 353 -37.39 4.83 -13.06
C LEU A 353 -37.94 4.28 -14.39
N ALA A 354 -38.21 5.19 -15.32
CA ALA A 354 -38.83 4.85 -16.60
C ALA A 354 -37.82 4.26 -17.59
N GLN A 355 -36.56 4.66 -17.46
CA GLN A 355 -35.48 4.09 -18.27
C GLN A 355 -35.21 2.62 -17.89
N ILE A 356 -35.05 2.37 -16.59
CA ILE A 356 -34.86 1.02 -16.11
C ILE A 356 -36.10 0.19 -16.40
N GLY A 357 -37.26 0.73 -16.05
CA GLY A 357 -38.54 0.05 -16.26
C GLY A 357 -38.85 -0.32 -17.70
N ARG A 358 -38.49 0.55 -18.63
CA ARG A 358 -38.66 0.26 -20.08
C ARG A 358 -37.91 -1.02 -20.47
N LYS A 359 -36.74 -1.22 -19.86
CA LYS A 359 -35.90 -2.39 -20.13
C LYS A 359 -36.40 -3.69 -19.48
N LEU A 360 -37.13 -3.57 -18.38
CA LEU A 360 -37.63 -4.76 -17.69
C LEU A 360 -38.62 -5.57 -18.55
N ASP A 361 -39.51 -4.88 -19.26
CA ASP A 361 -40.61 -5.48 -20.02
C ASP A 361 -41.25 -6.74 -19.40
N SER A 362 -41.12 -6.86 -18.09
CA SER A 362 -41.86 -7.84 -17.30
C SER A 362 -42.69 -7.01 -16.33
N ASN A 363 -44.01 -7.18 -16.42
CA ASN A 363 -44.95 -6.27 -15.77
C ASN A 363 -45.00 -6.47 -14.25
N GLU A 364 -44.84 -7.70 -13.79
CA GLU A 364 -44.77 -7.96 -12.36
C GLU A 364 -43.49 -7.37 -11.77
N LYS A 365 -42.38 -7.45 -12.50
CA LYS A 365 -41.13 -6.83 -12.06
C LYS A 365 -41.19 -5.30 -12.13
N PHE A 366 -41.94 -4.77 -13.09
CA PHE A 366 -42.15 -3.32 -13.18
C PHE A 366 -42.85 -2.81 -11.92
N GLU A 367 -43.85 -3.53 -11.47
CA GLU A 367 -44.54 -3.17 -10.24
C GLU A 367 -43.60 -3.22 -9.04
N GLU A 368 -42.70 -4.21 -9.03
CA GLU A 368 -41.66 -4.27 -8.00
C GLU A 368 -40.85 -2.98 -7.99
N LEU A 369 -40.36 -2.60 -9.17
CA LEU A 369 -39.55 -1.37 -9.31
C LEU A 369 -40.29 -0.13 -8.83
N VAL A 370 -41.57 -0.01 -9.18
CA VAL A 370 -42.34 1.18 -8.81
C VAL A 370 -42.60 1.26 -7.30
N MET A 371 -42.94 0.11 -6.70
CA MET A 371 -43.19 0.03 -5.27
C MET A 371 -41.96 0.47 -4.46
N GLY A 372 -40.78 0.06 -4.90
CA GLY A 372 -39.54 0.50 -4.28
C GLY A 372 -39.29 1.99 -4.47
N TYR A 373 -39.72 2.52 -5.61
CA TYR A 373 -39.64 3.95 -5.87
C TYR A 373 -40.58 4.71 -4.93
N LYS A 374 -41.79 4.18 -4.77
CA LYS A 374 -42.78 4.77 -3.87
C LYS A 374 -42.31 4.75 -2.41
N LYS A 375 -41.71 3.63 -2.00
CA LYS A 375 -41.16 3.55 -0.64
C LYS A 375 -40.15 4.68 -0.42
N LEU A 376 -39.30 4.90 -1.42
CA LEU A 376 -38.26 5.90 -1.32
C LEU A 376 -38.78 7.34 -1.26
N VAL A 377 -39.82 7.65 -2.04
CA VAL A 377 -40.23 9.06 -2.22
C VAL A 377 -41.58 9.47 -1.65
N ASP A 378 -42.50 8.52 -1.45
CA ASP A 378 -43.84 8.86 -0.96
C ASP A 378 -43.79 9.33 0.51
N PRO A 379 -44.40 10.49 0.82
CA PRO A 379 -44.36 11.04 2.18
C PRO A 379 -44.81 10.11 3.31
N LYS A 380 -45.78 9.25 3.04
CA LYS A 380 -46.24 8.27 4.04
C LYS A 380 -45.27 7.10 4.24
N GLU A 381 -44.21 7.04 3.43
CA GLU A 381 -43.14 6.05 3.58
C GLU A 381 -41.85 6.78 3.99
N MET A 382 -40.77 6.63 3.22
CA MET A 382 -39.48 7.25 3.55
C MET A 382 -39.34 8.69 3.05
N GLY A 383 -40.25 9.12 2.17
CA GLY A 383 -40.13 10.38 1.44
C GLY A 383 -39.88 11.65 2.25
N THR A 384 -40.49 11.76 3.43
CA THR A 384 -40.33 12.96 4.27
C THR A 384 -39.61 12.68 5.58
N ASN A 385 -39.86 11.53 6.18
CA ASN A 385 -39.15 11.11 7.40
C ASN A 385 -37.65 11.15 7.17
N TYR A 386 -37.22 10.58 6.04
CA TYR A 386 -35.82 10.64 5.64
C TYR A 386 -35.49 12.01 5.02
N LYS A 387 -34.32 12.53 5.37
CA LYS A 387 -33.90 13.86 4.91
C LYS A 387 -32.43 13.84 4.56
N VAL A 388 -32.04 14.82 3.75
CA VAL A 388 -30.69 14.93 3.24
C VAL A 388 -30.12 16.30 3.57
N ILE A 389 -28.91 16.32 4.12
CA ILE A 389 -28.16 17.56 4.34
C ILE A 389 -26.77 17.38 3.72
N THR A 390 -26.17 18.48 3.27
CA THR A 390 -24.80 18.44 2.74
C THR A 390 -23.87 19.36 3.49
N ILE A 391 -22.63 18.91 3.67
CA ILE A 391 -21.55 19.76 4.15
C ILE A 391 -20.68 20.00 2.92
N CYS A 392 -20.33 21.25 2.66
CA CYS A 392 -19.66 21.62 1.43
C CYS A 392 -19.02 22.98 1.52
N ASP A 393 -18.33 23.37 0.45
CA ASP A 393 -17.71 24.68 0.36
C ASP A 393 -18.78 25.74 0.09
N LYS A 394 -18.68 26.87 0.77
CA LYS A 394 -19.56 28.03 0.55
C LYS A 394 -19.62 28.47 -0.90
N ASN A 395 -18.48 28.36 -1.59
CA ASN A 395 -18.33 28.85 -2.96
C ASN A 395 -18.94 27.94 -4.00
N ILE A 396 -19.04 26.64 -3.72
CA ILE A 396 -19.56 25.68 -4.69
C ILE A 396 -20.99 25.30 -4.33
N THR A 397 -21.95 25.76 -5.14
CA THR A 397 -23.36 25.52 -4.87
C THR A 397 -23.70 24.04 -5.04
N PRO A 398 -24.40 23.46 -4.04
CA PRO A 398 -24.59 22.02 -4.02
C PRO A 398 -25.62 21.53 -5.03
N ILE A 399 -25.66 20.23 -5.26
CA ILE A 399 -26.60 19.63 -6.20
C ILE A 399 -27.71 18.91 -5.45
N GLY A 400 -28.96 19.24 -5.74
CA GLY A 400 -30.12 18.61 -5.13
C GLY A 400 -30.75 19.35 -3.96
N PHE A 401 -30.30 20.57 -3.70
CA PHE A 401 -30.74 21.35 -2.54
C PHE A 401 -31.36 22.68 -2.91
N SER A 402 -32.06 22.72 -4.03
CA SER A 402 -32.72 23.94 -4.45
C SER A 402 -33.86 24.31 -3.49
N THR A 403 -34.41 23.32 -2.81
CA THR A 403 -35.51 23.52 -1.86
C THR A 403 -35.02 23.80 -0.43
N SER A 404 -33.71 23.85 -0.21
CA SER A 404 -33.20 24.06 1.14
C SER A 404 -33.60 25.44 1.64
N LYS A 405 -33.81 25.57 2.94
CA LYS A 405 -34.20 26.84 3.54
C LYS A 405 -32.98 27.71 3.80
N THR A 406 -33.19 29.02 3.87
CA THR A 406 -32.17 29.95 4.32
C THR A 406 -32.45 30.25 5.79
N TYR A 407 -31.46 30.03 6.64
CA TYR A 407 -31.60 30.26 8.08
C TYR A 407 -30.93 31.58 8.45
N ASP A 408 -31.62 32.69 8.19
CA ASP A 408 -31.05 34.03 8.31
C ASP A 408 -30.53 34.36 9.71
N ASP A 409 -31.21 33.86 10.73
CA ASP A 409 -30.81 34.15 12.10
C ASP A 409 -29.46 33.52 12.47
N GLU A 410 -29.21 32.29 12.03
CA GLU A 410 -27.98 31.58 12.40
C GLU A 410 -26.77 32.04 11.61
N ASP A 411 -26.99 32.54 10.39
CA ASP A 411 -25.91 33.15 9.60
C ASP A 411 -25.56 34.53 10.19
N LEU A 412 -25.00 34.52 11.40
CA LEU A 412 -24.67 35.72 12.20
C LEU A 412 -25.81 36.76 12.31
N LYS B 13 -33.35 -17.98 -1.99
CA LYS B 13 -33.70 -18.20 -3.44
C LYS B 13 -33.90 -19.69 -3.76
N TYR B 14 -34.60 -19.91 -4.88
CA TYR B 14 -34.89 -21.25 -5.42
C TYR B 14 -33.90 -21.53 -6.57
N PRO B 15 -33.87 -22.74 -7.14
CA PRO B 15 -34.54 -23.94 -6.65
C PRO B 15 -33.54 -25.04 -6.28
N ILE B 16 -34.05 -26.15 -5.73
CA ILE B 16 -33.23 -27.18 -5.08
C ILE B 16 -32.48 -28.10 -6.07
N THR B 17 -31.18 -28.25 -5.87
CA THR B 17 -30.33 -29.04 -6.77
C THR B 17 -30.23 -30.50 -6.34
N ASP B 18 -29.83 -31.34 -7.29
CA ASP B 18 -29.64 -32.77 -7.08
C ASP B 18 -28.68 -33.06 -5.93
N PHE B 19 -27.63 -32.26 -5.80
CA PHE B 19 -26.62 -32.49 -4.74
C PHE B 19 -27.13 -32.07 -3.36
N GLU B 20 -27.92 -31.01 -3.32
CA GLU B 20 -28.53 -30.53 -2.08
C GLU B 20 -29.63 -31.47 -1.58
N LYS B 21 -30.24 -32.25 -2.47
CA LYS B 21 -31.18 -33.30 -2.05
C LYS B 21 -30.45 -34.51 -1.48
N TYR B 22 -29.32 -34.88 -2.09
CA TYR B 22 -28.49 -35.98 -1.56
C TYR B 22 -27.94 -35.62 -0.18
N LEU B 23 -27.48 -34.38 -0.03
CA LEU B 23 -26.91 -33.89 1.23
C LEU B 23 -27.95 -33.62 2.30
N GLN B 24 -29.15 -33.22 1.89
CA GLN B 24 -30.28 -33.12 2.81
C GLN B 24 -30.75 -34.50 3.27
N ASP B 25 -30.51 -35.54 2.47
CA ASP B 25 -30.90 -36.89 2.84
C ASP B 25 -29.99 -37.46 3.93
N ILE B 26 -28.69 -37.21 3.82
CA ILE B 26 -27.73 -37.57 4.87
C ILE B 26 -28.16 -37.01 6.22
N THR B 27 -28.71 -35.80 6.23
CA THR B 27 -29.08 -35.13 7.46
C THR B 27 -30.36 -35.72 8.07
N LYS B 28 -31.24 -36.24 7.21
CA LYS B 28 -32.48 -36.87 7.68
C LYS B 28 -32.18 -38.18 8.39
N VAL B 29 -31.31 -38.98 7.78
CA VAL B 29 -31.03 -40.34 8.27
C VAL B 29 -30.02 -40.35 9.42
N ARG B 30 -28.95 -39.57 9.31
CA ARG B 30 -27.85 -39.60 10.27
C ARG B 30 -27.80 -38.35 11.19
N GLY B 31 -28.69 -37.38 10.96
CA GLY B 31 -28.66 -36.13 11.72
C GLY B 31 -27.65 -35.15 11.12
N PRO B 32 -27.62 -33.91 11.63
CA PRO B 32 -26.73 -32.89 11.07
C PRO B 32 -25.28 -33.38 10.97
N MET B 33 -24.68 -33.17 9.79
CA MET B 33 -23.32 -33.66 9.48
C MET B 33 -22.27 -32.65 9.93
N SER B 34 -21.03 -33.13 10.07
CA SER B 34 -19.92 -32.25 10.44
C SER B 34 -19.47 -31.44 9.23
N ILE B 35 -18.84 -30.29 9.51
CA ILE B 35 -18.24 -29.44 8.48
C ILE B 35 -17.26 -30.30 7.66
N ASP B 36 -16.57 -31.19 8.37
CA ASP B 36 -15.66 -32.16 7.77
C ASP B 36 -16.38 -33.04 6.74
N THR B 37 -17.48 -33.66 7.14
CA THR B 37 -18.26 -34.47 6.21
C THR B 37 -18.79 -33.61 5.08
N PHE B 38 -19.26 -32.41 5.41
CA PHE B 38 -19.77 -31.49 4.41
C PHE B 38 -18.75 -31.15 3.32
N ILE B 39 -17.53 -30.79 3.72
CA ILE B 39 -16.48 -30.45 2.74
C ILE B 39 -16.04 -31.70 1.96
N LYS B 40 -15.89 -32.82 2.68
CA LYS B 40 -15.57 -34.11 2.07
C LYS B 40 -16.52 -34.42 0.91
N GLU B 41 -17.81 -34.20 1.13
CA GLU B 41 -18.81 -34.45 0.10
C GLU B 41 -18.69 -33.46 -1.05
N VAL B 42 -18.63 -32.16 -0.74
CA VAL B 42 -18.61 -31.11 -1.76
C VAL B 42 -17.45 -31.27 -2.74
N LEU B 43 -16.27 -31.63 -2.22
CA LEU B 43 -15.06 -31.73 -3.03
C LEU B 43 -14.87 -33.10 -3.67
N THR B 44 -15.04 -34.17 -2.90
CA THR B 44 -14.62 -35.52 -3.33
C THR B 44 -15.76 -36.53 -3.46
N ASN B 45 -17.01 -36.07 -3.48
CA ASN B 45 -18.11 -36.97 -3.79
C ASN B 45 -17.98 -37.40 -5.25
N PRO B 46 -18.03 -38.73 -5.52
CA PRO B 46 -17.81 -39.22 -6.88
C PRO B 46 -19.12 -39.07 -7.64
N LYS B 47 -19.17 -38.00 -8.40
CA LYS B 47 -20.33 -37.57 -9.18
C LYS B 47 -20.61 -36.10 -8.93
N TYR B 48 -20.70 -35.66 -7.67
CA TYR B 48 -21.03 -34.23 -7.41
C TYR B 48 -19.84 -33.38 -6.96
N GLY B 49 -18.71 -34.03 -6.68
CA GLY B 49 -17.53 -33.36 -6.14
C GLY B 49 -16.99 -32.28 -7.05
N TYR B 50 -16.56 -31.16 -6.47
CA TYR B 50 -16.01 -30.05 -7.24
C TYR B 50 -14.81 -30.53 -8.03
N TYR B 51 -13.91 -31.26 -7.38
CA TYR B 51 -12.75 -31.79 -8.06
C TYR B 51 -13.04 -32.95 -9.04
N MET B 52 -14.17 -33.62 -8.89
CA MET B 52 -14.59 -34.64 -9.88
C MET B 52 -14.92 -34.05 -11.26
N ASN B 53 -15.80 -33.05 -11.33
CA ASN B 53 -15.92 -32.22 -12.53
C ASN B 53 -16.85 -30.99 -12.37
N LYS B 54 -16.38 -29.87 -12.92
CA LYS B 54 -17.16 -28.62 -13.00
C LYS B 54 -16.57 -27.65 -14.06
N ASP B 55 -15.51 -26.90 -13.72
CA ASP B 55 -14.83 -26.00 -14.69
C ASP B 55 -13.29 -25.88 -14.54
N VAL B 56 -12.65 -26.87 -13.88
CA VAL B 56 -11.19 -26.94 -13.74
C VAL B 56 -10.74 -28.39 -13.84
N PHE B 57 -10.98 -29.01 -15.00
CA PHE B 57 -10.47 -30.36 -15.26
C PHE B 57 -8.94 -30.36 -15.30
N GLY B 58 -8.34 -29.24 -15.74
CA GLY B 58 -6.89 -29.07 -15.74
C GLY B 58 -6.39 -28.24 -16.91
N LYS B 59 -6.50 -28.82 -18.11
CA LYS B 59 -6.11 -28.15 -19.35
C LYS B 59 -7.27 -27.33 -19.94
N GLY B 60 -7.85 -26.46 -19.11
CA GLY B 60 -9.05 -25.71 -19.47
C GLY B 60 -9.65 -25.01 -18.25
N GLY B 61 -9.23 -23.77 -18.03
CA GLY B 61 -9.63 -22.99 -16.85
C GLY B 61 -8.45 -22.70 -15.91
N ASP B 62 -8.54 -21.58 -15.21
CA ASP B 62 -7.51 -21.16 -14.24
C ASP B 62 -7.39 -22.13 -13.04
N PHE B 63 -6.25 -22.07 -12.33
CA PHE B 63 -6.06 -22.83 -11.08
C PHE B 63 -5.94 -22.06 -9.72
N ILE B 64 -5.09 -21.05 -9.51
CA ILE B 64 -3.87 -20.66 -10.25
C ILE B 64 -2.83 -20.69 -9.12
N THR B 65 -1.82 -21.55 -9.22
CA THR B 65 -0.98 -21.92 -8.07
C THR B 65 0.51 -21.66 -8.32
N ALA B 66 1.33 -21.81 -7.26
CA ALA B 66 2.76 -21.47 -7.32
C ALA B 66 3.53 -22.13 -8.47
N PRO B 67 3.32 -23.43 -8.72
CA PRO B 67 3.92 -24.09 -9.89
C PRO B 67 3.49 -23.49 -11.22
N GLU B 68 2.24 -23.05 -11.31
CA GLU B 68 1.69 -22.43 -12.51
C GLU B 68 2.19 -20.98 -12.55
N VAL B 69 2.80 -20.59 -13.66
CA VAL B 69 3.38 -19.25 -13.86
C VAL B 69 4.90 -19.28 -13.81
N SER B 70 5.46 -20.05 -12.87
CA SER B 70 6.91 -20.18 -12.83
C SER B 70 7.47 -21.58 -12.54
N GLN B 71 8.19 -22.06 -13.55
CA GLN B 71 9.10 -23.18 -13.45
C GLN B 71 10.13 -23.00 -12.33
N LEU B 72 10.45 -21.74 -12.00
CA LEU B 72 11.30 -21.41 -10.87
C LEU B 72 10.89 -22.11 -9.59
N PHE B 73 9.57 -22.20 -9.38
CA PHE B 73 9.06 -22.83 -8.19
C PHE B 73 9.43 -24.30 -8.20
N GLY B 74 9.03 -25.00 -9.26
CA GLY B 74 9.32 -26.42 -9.43
C GLY B 74 10.79 -26.77 -9.32
N GLU B 75 11.63 -25.89 -9.87
CA GLU B 75 13.08 -26.10 -9.82
C GLU B 75 13.65 -26.00 -8.41
N MET B 76 13.20 -25.04 -7.62
CA MET B 76 13.62 -24.93 -6.23
C MET B 76 13.19 -26.13 -5.41
N ILE B 77 11.94 -26.57 -5.58
CA ILE B 77 11.45 -27.77 -4.90
C ILE B 77 12.29 -28.98 -5.29
N GLY B 78 12.69 -29.03 -6.56
CA GLY B 78 13.60 -30.07 -7.06
C GLY B 78 14.97 -30.03 -6.41
N ILE B 79 15.53 -28.82 -6.24
CA ILE B 79 16.80 -28.68 -5.54
C ILE B 79 16.66 -29.16 -4.09
N TRP B 80 15.50 -28.90 -3.49
CA TRP B 80 15.23 -29.37 -2.14
C TRP B 80 15.21 -30.90 -2.07
N CYS B 81 14.52 -31.53 -3.01
CA CYS B 81 14.48 -32.99 -3.07
C CYS B 81 15.89 -33.59 -3.16
N VAL B 82 16.75 -32.99 -3.98
CA VAL B 82 18.10 -33.51 -4.19
C VAL B 82 18.96 -33.26 -2.95
N ALA B 83 18.92 -32.04 -2.44
CA ALA B 83 19.68 -31.67 -1.25
C ALA B 83 19.28 -32.54 -0.06
N THR B 84 17.97 -32.79 0.09
CA THR B 84 17.46 -33.63 1.18
C THR B 84 17.89 -35.08 1.01
N TRP B 85 17.80 -35.59 -0.22
CA TRP B 85 18.33 -36.90 -0.54
C TRP B 85 19.82 -37.00 -0.14
N GLU B 86 20.59 -35.97 -0.44
CA GLU B 86 22.01 -35.92 -0.05
C GLU B 86 22.19 -36.00 1.46
N ALA B 87 21.41 -35.21 2.21
CA ALA B 87 21.51 -35.19 3.67
C ALA B 87 21.04 -36.49 4.32
N MET B 88 20.11 -37.19 3.68
CA MET B 88 19.68 -38.51 4.12
C MET B 88 20.77 -39.58 3.92
N GLY B 89 21.70 -39.32 3.00
CA GLY B 89 22.83 -40.22 2.75
C GLY B 89 22.79 -40.90 1.39
N LYS B 90 22.25 -40.21 0.40
CA LYS B 90 22.13 -40.72 -0.97
C LYS B 90 21.61 -42.16 -1.03
N PRO B 91 20.43 -42.44 -0.46
CA PRO B 91 19.90 -43.81 -0.53
C PRO B 91 19.80 -44.32 -1.96
N LYS B 92 20.03 -45.62 -2.12
CA LYS B 92 20.01 -46.27 -3.43
C LYS B 92 18.60 -46.21 -4.07
N LYS B 93 17.57 -46.34 -3.23
CA LYS B 93 16.18 -46.27 -3.67
C LYS B 93 15.44 -45.21 -2.86
N LEU B 94 14.72 -44.33 -3.54
CA LEU B 94 14.02 -43.23 -2.90
C LEU B 94 12.64 -43.05 -3.55
N GLN B 95 11.62 -42.90 -2.72
CA GLN B 95 10.27 -42.58 -3.21
C GLN B 95 10.00 -41.09 -3.11
N ILE B 96 9.32 -40.55 -4.13
CA ILE B 96 8.83 -39.19 -4.09
C ILE B 96 7.31 -39.23 -4.19
N VAL B 97 6.64 -38.77 -3.14
CA VAL B 97 5.19 -38.77 -3.07
C VAL B 97 4.68 -37.35 -3.20
N GLU B 98 3.73 -37.13 -4.09
CA GLU B 98 3.03 -35.84 -4.10
C GLU B 98 1.58 -36.09 -3.71
N MET B 99 1.11 -35.28 -2.76
CA MET B 99 -0.29 -35.27 -2.38
C MET B 99 -0.97 -34.17 -3.19
N GLY B 100 -2.05 -34.52 -3.88
CA GLY B 100 -2.82 -33.56 -4.66
C GLY B 100 -2.00 -32.82 -5.69
N PRO B 101 -1.48 -33.55 -6.70
CA PRO B 101 -0.59 -32.95 -7.70
C PRO B 101 -1.23 -31.95 -8.65
N GLY B 102 -2.56 -31.88 -8.73
CA GLY B 102 -3.21 -30.92 -9.62
C GLY B 102 -3.09 -31.33 -11.07
N ARG B 103 -2.51 -30.45 -11.89
CA ARG B 103 -2.21 -30.76 -13.28
C ARG B 103 -0.95 -31.60 -13.43
N GLY B 104 -0.19 -31.76 -12.34
CA GLY B 104 1.09 -32.44 -12.35
C GLY B 104 2.24 -31.51 -12.69
N THR B 105 1.94 -30.22 -12.80
CA THR B 105 2.91 -29.22 -13.25
C THR B 105 4.17 -29.21 -12.39
N LEU B 106 3.97 -29.24 -11.07
CA LEU B 106 5.08 -29.21 -10.12
C LEU B 106 5.97 -30.41 -10.33
N MET B 107 5.37 -31.59 -10.41
CA MET B 107 6.12 -32.82 -10.58
C MET B 107 6.90 -32.82 -11.90
N LYS B 108 6.26 -32.30 -12.94
CA LYS B 108 6.88 -32.22 -14.25
C LYS B 108 8.15 -31.37 -14.22
N ASP B 109 8.11 -30.25 -13.52
CA ASP B 109 9.27 -29.38 -13.38
C ASP B 109 10.38 -30.06 -12.61
N ILE B 110 10.00 -30.77 -11.54
CA ILE B 110 10.97 -31.44 -10.70
C ILE B 110 11.73 -32.47 -11.51
N LEU B 111 10.99 -33.30 -12.24
CA LEU B 111 11.59 -34.39 -13.00
C LEU B 111 12.41 -33.90 -14.19
N ARG B 112 12.00 -32.76 -14.75
CA ARG B 112 12.75 -32.11 -15.83
C ARG B 112 14.05 -31.52 -15.30
N SER B 113 13.96 -30.82 -14.17
CA SER B 113 15.08 -30.07 -13.61
C SER B 113 16.10 -30.92 -12.86
N THR B 114 15.68 -32.05 -12.30
CA THR B 114 16.59 -32.91 -11.53
C THR B 114 17.29 -33.98 -12.39
N LYS B 115 17.05 -33.99 -13.69
CA LYS B 115 17.62 -35.01 -14.56
C LYS B 115 19.14 -35.00 -14.57
N VAL B 116 19.73 -33.81 -14.51
CA VAL B 116 21.20 -33.65 -14.51
C VAL B 116 21.87 -34.34 -13.32
N PHE B 117 21.16 -34.50 -12.21
CA PHE B 117 21.70 -35.17 -11.03
C PHE B 117 21.54 -36.69 -11.20
N LYS B 118 22.41 -37.25 -12.04
CA LYS B 118 22.34 -38.64 -12.50
C LYS B 118 22.14 -39.66 -11.36
N GLU B 119 22.93 -39.53 -10.29
CA GLU B 119 22.86 -40.49 -9.19
C GLU B 119 21.52 -40.40 -8.47
N PHE B 120 21.07 -39.17 -8.23
CA PHE B 120 19.75 -38.91 -7.66
C PHE B 120 18.65 -39.46 -8.56
N TYR B 121 18.74 -39.13 -9.84
CA TYR B 121 17.67 -39.47 -10.77
C TYR B 121 17.50 -40.98 -10.90
N ASP B 122 18.59 -41.74 -10.74
CA ASP B 122 18.54 -43.20 -10.86
C ASP B 122 17.93 -43.88 -9.64
N SER B 123 17.83 -43.17 -8.53
CA SER B 123 17.29 -43.75 -7.31
C SER B 123 15.79 -43.51 -7.12
N ILE B 124 15.19 -42.61 -7.89
CA ILE B 124 13.80 -42.18 -7.62
C ILE B 124 12.72 -42.93 -8.41
N SER B 125 11.62 -43.20 -7.72
CA SER B 125 10.34 -43.49 -8.36
C SER B 125 9.30 -42.54 -7.74
N VAL B 126 8.17 -42.35 -8.43
CA VAL B 126 7.18 -41.37 -8.02
C VAL B 126 5.83 -42.00 -7.70
N HIS B 127 5.20 -41.50 -6.65
CA HIS B 127 3.87 -41.91 -6.26
C HIS B 127 3.00 -40.70 -6.09
N LEU B 128 1.97 -40.58 -6.91
CA LEU B 128 1.05 -39.47 -6.83
C LEU B 128 -0.20 -39.96 -6.11
N VAL B 129 -0.58 -39.26 -5.04
CA VAL B 129 -1.82 -39.56 -4.32
C VAL B 129 -2.87 -38.57 -4.81
N GLU B 130 -3.97 -39.10 -5.35
CA GLU B 130 -4.93 -38.27 -6.05
C GLU B 130 -6.29 -38.96 -6.10
N ALA B 131 -7.33 -38.23 -5.74
CA ALA B 131 -8.67 -38.80 -5.60
C ALA B 131 -9.55 -38.51 -6.80
N SER B 132 -9.23 -37.48 -7.58
CA SER B 132 -10.05 -37.07 -8.71
C SER B 132 -9.62 -37.78 -9.98
N PRO B 133 -10.50 -38.60 -10.58
CA PRO B 133 -10.11 -39.21 -11.86
C PRO B 133 -9.73 -38.19 -12.95
N ALA B 134 -10.40 -37.04 -12.98
CA ALA B 134 -10.12 -36.00 -13.96
C ALA B 134 -8.73 -35.40 -13.77
N ASN B 135 -8.34 -35.18 -12.53
CA ASN B 135 -7.01 -34.65 -12.24
C ASN B 135 -5.99 -35.75 -12.45
N LYS B 136 -6.37 -36.99 -12.20
CA LYS B 136 -5.49 -38.12 -12.49
C LYS B 136 -5.22 -38.19 -13.98
N LYS B 137 -6.25 -38.01 -14.80
CA LYS B 137 -6.09 -38.04 -16.25
C LYS B 137 -5.21 -36.90 -16.74
N THR B 138 -5.36 -35.70 -16.18
CA THR B 138 -4.56 -34.57 -16.64
C THR B 138 -3.10 -34.84 -16.33
N GLN B 139 -2.84 -35.25 -15.10
CA GLN B 139 -1.49 -35.60 -14.62
C GLN B 139 -0.79 -36.62 -15.50
N LYS B 140 -1.51 -37.66 -15.93
CA LYS B 140 -0.96 -38.70 -16.80
C LYS B 140 -0.64 -38.21 -18.19
N GLN B 141 -1.55 -37.45 -18.79
CA GLN B 141 -1.31 -36.83 -20.09
C GLN B 141 -0.12 -35.87 -20.03
N ASN B 142 0.09 -35.27 -18.88
CA ASN B 142 1.16 -34.32 -18.69
C ASN B 142 2.50 -34.91 -18.32
N LEU B 143 2.56 -36.11 -17.77
CA LEU B 143 3.81 -36.67 -17.24
C LEU B 143 4.37 -37.88 -17.98
N LEU B 144 3.52 -38.59 -18.72
CA LEU B 144 3.82 -39.95 -19.16
C LEU B 144 4.20 -40.06 -20.63
N TYR B 145 4.99 -41.10 -20.92
CA TYR B 145 5.36 -41.47 -22.27
C TYR B 145 4.43 -42.62 -22.65
N PHE B 146 3.74 -42.45 -23.78
CA PHE B 146 2.73 -43.40 -24.22
C PHE B 146 3.14 -44.25 -25.42
N LYS B 147 2.96 -45.55 -25.25
CA LYS B 147 3.21 -46.56 -26.27
C LYS B 147 1.94 -46.87 -27.05
N ASP B 148 0.77 -46.55 -26.48
CA ASP B 148 -0.51 -46.83 -27.10
C ASP B 148 -1.30 -45.54 -27.33
N LYS B 149 -2.15 -45.56 -28.36
CA LYS B 149 -3.01 -44.41 -28.69
C LYS B 149 -4.20 -44.39 -27.73
N ALA B 150 -5.04 -45.41 -27.82
CA ALA B 150 -6.24 -45.51 -27.00
C ALA B 150 -5.89 -45.81 -25.55
N ILE B 151 -5.87 -44.77 -24.71
CA ILE B 151 -5.60 -44.93 -23.30
C ILE B 151 -6.89 -44.80 -22.53
N ASN B 152 -7.22 -45.83 -21.75
CA ASN B 152 -8.21 -45.72 -20.70
C ASN B 152 -7.43 -45.32 -19.45
N PHE B 153 -7.74 -44.14 -18.94
CA PHE B 153 -6.97 -43.55 -17.84
C PHE B 153 -7.37 -44.12 -16.48
N ASP B 154 -8.40 -44.96 -16.43
CA ASP B 154 -8.82 -45.64 -15.21
C ASP B 154 -8.21 -47.04 -15.04
N HIS B 155 -7.91 -47.71 -16.15
CA HIS B 155 -7.17 -48.97 -16.12
C HIS B 155 -5.76 -48.75 -15.58
N LYS B 156 -5.06 -47.78 -16.18
CA LYS B 156 -3.65 -47.51 -15.96
C LYS B 156 -3.30 -46.96 -14.57
N THR B 157 -2.86 -47.85 -13.68
CA THR B 157 -2.45 -47.42 -12.33
C THR B 157 -0.96 -46.98 -12.29
N ILE B 158 -0.19 -47.45 -13.28
CA ILE B 158 1.26 -47.19 -13.37
C ILE B 158 1.64 -46.76 -14.78
N GLY B 159 2.72 -45.98 -14.88
CA GLY B 159 3.28 -45.59 -16.16
C GLY B 159 4.74 -45.21 -16.01
N GLU B 160 5.32 -44.72 -17.09
CA GLU B 160 6.73 -44.38 -17.12
C GLU B 160 6.90 -43.05 -17.84
N THR B 161 7.75 -42.18 -17.29
CA THR B 161 7.95 -40.84 -17.82
C THR B 161 8.82 -40.94 -19.08
N PRO B 162 8.90 -39.86 -19.89
CA PRO B 162 9.75 -39.94 -21.09
C PRO B 162 11.24 -40.12 -20.80
N ASN B 163 11.69 -39.71 -19.62
CA ASN B 163 13.03 -40.03 -19.13
C ASN B 163 13.12 -41.35 -18.32
N GLY B 164 12.11 -42.22 -18.42
CA GLY B 164 12.17 -43.56 -17.81
C GLY B 164 11.84 -43.67 -16.33
N ILE B 165 11.52 -42.56 -15.69
CA ILE B 165 11.09 -42.57 -14.27
C ILE B 165 9.71 -43.20 -14.09
N LYS B 166 9.58 -44.08 -13.12
CA LYS B 166 8.33 -44.78 -12.87
C LYS B 166 7.37 -43.96 -11.98
N VAL B 167 6.12 -43.86 -12.42
CA VAL B 167 5.09 -43.09 -11.71
C VAL B 167 3.87 -43.98 -11.47
N THR B 168 3.47 -44.14 -10.21
CA THR B 168 2.28 -44.92 -9.87
C THR B 168 1.23 -44.01 -9.20
N TRP B 169 -0.01 -44.10 -9.65
CA TRP B 169 -1.12 -43.36 -9.06
C TRP B 169 -1.86 -44.22 -8.05
N VAL B 170 -2.23 -43.61 -6.93
CA VAL B 170 -3.00 -44.27 -5.88
C VAL B 170 -4.01 -43.27 -5.34
N GLY B 171 -5.05 -43.76 -4.71
CA GLY B 171 -6.11 -42.93 -4.18
C GLY B 171 -5.87 -42.35 -2.80
N LYS B 172 -5.03 -43.03 -2.01
CA LYS B 172 -4.78 -42.68 -0.61
C LYS B 172 -3.32 -42.87 -0.26
N LEU B 173 -2.85 -42.12 0.73
CA LEU B 173 -1.47 -42.23 1.18
C LEU B 173 -1.15 -43.64 1.64
N GLU B 174 -2.11 -44.29 2.29
CA GLU B 174 -1.99 -45.67 2.80
C GLU B 174 -1.46 -46.71 1.83
N GLU B 175 -1.72 -46.51 0.54
CA GLU B 175 -1.37 -47.49 -0.48
C GLU B 175 0.08 -47.40 -0.95
N VAL B 176 0.76 -46.28 -0.65
CA VAL B 176 2.16 -46.11 -1.01
C VAL B 176 3.01 -47.14 -0.26
N PRO B 177 3.96 -47.79 -0.96
CA PRO B 177 4.85 -48.71 -0.27
C PRO B 177 5.52 -48.09 0.94
N THR B 178 5.82 -48.95 1.91
CA THR B 178 6.43 -48.56 3.16
C THR B 178 7.80 -49.25 3.13
N ASP B 179 8.69 -48.91 4.05
CA ASP B 179 10.03 -49.55 4.11
C ASP B 179 10.93 -49.12 2.95
N ILE B 180 10.64 -47.98 2.33
CA ILE B 180 11.55 -47.33 1.39
C ILE B 180 11.63 -45.86 1.79
N PRO B 181 12.85 -45.31 1.89
CA PRO B 181 12.99 -43.87 2.14
C PRO B 181 12.08 -43.04 1.22
N THR B 182 11.38 -42.06 1.79
CA THR B 182 10.37 -41.31 1.04
C THR B 182 10.41 -39.79 1.28
N LEU B 183 10.42 -39.03 0.20
CA LEU B 183 10.11 -37.60 0.24
C LEU B 183 8.62 -37.42 -0.03
N PHE B 184 7.99 -36.48 0.69
CA PHE B 184 6.56 -36.18 0.55
C PHE B 184 6.38 -34.72 0.19
N LEU B 185 5.62 -34.46 -0.86
CA LEU B 185 5.32 -33.09 -1.29
C LEU B 185 3.82 -32.81 -1.24
N ALA B 186 3.45 -31.73 -0.57
CA ALA B 186 2.05 -31.33 -0.47
C ALA B 186 1.95 -29.81 -0.64
N GLN B 187 1.48 -29.38 -1.79
CA GLN B 187 1.50 -27.99 -2.20
C GLN B 187 0.09 -27.55 -2.56
N GLU B 188 -0.46 -26.67 -1.73
CA GLU B 188 -1.87 -26.28 -1.79
C GLU B 188 -2.77 -27.49 -1.78
N PHE B 189 -2.37 -28.47 -0.96
CA PHE B 189 -3.14 -29.69 -0.75
C PHE B 189 -3.91 -29.59 0.56
N PHE B 190 -3.23 -29.22 1.64
CA PHE B 190 -3.82 -29.08 2.97
C PHE B 190 -4.95 -28.05 3.08
N ASP B 191 -4.89 -26.97 2.32
CA ASP B 191 -6.01 -25.99 2.32
C ASP B 191 -7.31 -26.52 1.70
N ALA B 192 -7.24 -27.63 0.99
CA ALA B 192 -8.42 -28.25 0.37
C ALA B 192 -8.87 -29.51 1.15
N LEU B 193 -8.26 -29.76 2.30
CA LEU B 193 -8.68 -30.85 3.14
C LEU B 193 -9.86 -30.41 4.00
N PRO B 194 -10.72 -31.38 4.40
CA PRO B 194 -11.81 -31.03 5.29
C PRO B 194 -11.33 -30.61 6.68
N ILE B 195 -12.11 -29.73 7.31
CA ILE B 195 -11.85 -29.29 8.67
C ILE B 195 -13.08 -29.54 9.50
N HIS B 196 -12.91 -29.52 10.82
CA HIS B 196 -14.03 -29.42 11.74
C HIS B 196 -14.05 -28.01 12.31
N VAL B 197 -15.22 -27.53 12.67
CA VAL B 197 -15.35 -26.20 13.29
C VAL B 197 -16.01 -26.33 14.67
N PHE B 198 -15.37 -25.75 15.68
CA PHE B 198 -15.86 -25.83 17.06
C PHE B 198 -16.16 -24.45 17.63
N ARG B 199 -17.19 -24.36 18.46
CA ARG B 199 -17.60 -23.09 19.04
C ARG B 199 -17.90 -23.25 20.52
N PHE B 200 -17.38 -22.32 21.33
CA PHE B 200 -17.64 -22.31 22.78
C PHE B 200 -19.05 -21.80 23.06
N SER B 201 -19.75 -22.47 23.96
CA SER B 201 -21.03 -21.98 24.49
C SER B 201 -20.91 -21.78 26.00
N ARG B 202 -21.09 -20.55 26.49
CA ARG B 202 -21.05 -20.31 27.94
C ARG B 202 -22.26 -20.95 28.63
N GLU B 203 -23.38 -20.99 27.92
CA GLU B 203 -24.62 -21.61 28.42
C GLU B 203 -24.40 -23.08 28.81
N LYS B 204 -23.80 -23.85 27.92
CA LYS B 204 -23.40 -25.21 28.21
C LYS B 204 -22.07 -25.25 28.96
N ASN B 205 -21.36 -24.11 28.93
CA ASN B 205 -20.04 -23.97 29.54
C ASN B 205 -19.12 -25.08 29.06
N ASP B 206 -19.11 -25.24 27.75
CA ASP B 206 -18.43 -26.35 27.08
C ASP B 206 -18.32 -26.01 25.60
N TRP B 207 -17.55 -26.79 24.86
CA TRP B 207 -17.45 -26.63 23.43
C TRP B 207 -18.56 -27.38 22.71
N CYS B 208 -19.02 -26.80 21.60
CA CYS B 208 -19.96 -27.44 20.69
C CYS B 208 -19.31 -27.52 19.31
N GLU B 209 -19.83 -28.41 18.45
CA GLU B 209 -19.38 -28.48 17.06
C GLU B 209 -20.39 -27.81 16.13
N VAL B 210 -19.91 -27.01 15.18
CA VAL B 210 -20.78 -26.42 14.18
C VAL B 210 -21.06 -27.49 13.13
N LEU B 211 -22.33 -27.73 12.85
CA LEU B 211 -22.76 -28.78 11.94
C LEU B 211 -23.57 -28.19 10.80
N VAL B 212 -23.81 -28.99 9.77
CA VAL B 212 -24.65 -28.60 8.65
C VAL B 212 -25.89 -29.48 8.63
N ASP B 213 -27.06 -28.85 8.62
CA ASP B 213 -28.33 -29.56 8.62
C ASP B 213 -29.21 -29.11 7.45
N GLU B 214 -30.35 -29.78 7.31
CA GLU B 214 -31.43 -29.34 6.43
C GLU B 214 -31.74 -27.86 6.70
N ASP B 215 -32.37 -27.17 5.76
CA ASP B 215 -33.02 -25.90 6.08
C ASP B 215 -34.39 -25.84 5.43
N ILE B 216 -35.41 -25.97 6.26
CA ILE B 216 -36.77 -25.61 5.90
C ILE B 216 -37.28 -24.63 6.96
N THR B 217 -37.36 -23.33 6.66
CA THR B 217 -37.65 -22.29 7.67
C THR B 217 -38.42 -21.14 7.01
N GLU B 218 -38.90 -20.19 7.81
CA GLU B 218 -39.29 -18.87 7.29
C GLU B 218 -38.19 -18.20 6.43
N HIS B 219 -38.51 -17.99 5.16
CA HIS B 219 -37.50 -17.75 4.10
C HIS B 219 -36.09 -18.21 4.48
N GLY B 220 -35.95 -19.51 4.57
CA GLY B 220 -34.64 -20.16 4.67
C GLY B 220 -33.89 -19.86 3.39
N GLU B 221 -32.87 -19.01 3.52
CA GLU B 221 -32.15 -18.48 2.36
C GLU B 221 -31.56 -19.56 1.45
N TYR B 222 -31.10 -20.67 2.05
CA TYR B 222 -30.48 -21.75 1.31
C TYR B 222 -31.14 -23.04 1.82
N TYR B 223 -30.93 -24.14 1.13
CA TYR B 223 -31.54 -25.42 1.52
C TYR B 223 -30.70 -26.20 2.54
N LEU B 224 -29.69 -25.54 3.10
CA LEU B 224 -28.90 -26.08 4.20
C LEU B 224 -28.56 -24.92 5.14
N ARG B 225 -28.21 -25.23 6.40
CA ARG B 225 -27.85 -24.19 7.35
C ARG B 225 -26.88 -24.67 8.43
N PHE B 226 -26.06 -23.74 8.90
CA PHE B 226 -25.32 -23.76 10.16
C PHE B 226 -26.10 -24.10 11.43
N VAL B 227 -25.98 -25.30 11.98
CA VAL B 227 -26.72 -25.57 13.22
C VAL B 227 -25.97 -25.35 14.54
N GLN B 228 -25.32 -26.36 15.09
CA GLN B 228 -24.63 -26.30 16.39
C GLN B 228 -25.09 -27.44 17.28
N SER B 229 -24.14 -28.27 17.70
CA SER B 229 -24.44 -29.51 18.40
C SER B 229 -24.95 -29.20 19.79
N LYS B 230 -25.88 -30.01 20.26
CA LYS B 230 -26.41 -29.87 21.62
C LYS B 230 -25.32 -30.35 22.59
N GLY B 231 -24.37 -29.46 22.91
CA GLY B 231 -23.22 -29.84 23.72
C GLY B 231 -22.17 -30.52 22.86
N PRO B 232 -21.16 -31.14 23.49
CA PRO B 232 -20.04 -31.68 22.74
C PRO B 232 -20.34 -33.00 22.02
N THR B 233 -20.05 -33.03 20.73
CA THR B 233 -20.05 -34.28 19.95
C THR B 233 -18.87 -35.16 20.41
N LEU B 234 -18.73 -36.34 19.82
CA LEU B 234 -17.61 -37.19 20.19
C LEU B 234 -16.31 -36.57 19.72
N MET B 235 -16.36 -35.89 18.57
CA MET B 235 -15.17 -35.24 18.02
C MET B 235 -14.73 -34.03 18.87
N THR B 236 -15.69 -33.24 19.33
CA THR B 236 -15.38 -32.13 20.24
C THR B 236 -14.61 -32.62 21.44
N THR B 237 -15.13 -33.64 22.10
CA THR B 237 -14.49 -34.21 23.30
C THR B 237 -13.12 -34.78 22.95
N ALA B 238 -13.03 -35.51 21.85
CA ALA B 238 -11.77 -36.08 21.41
C ALA B 238 -10.66 -35.03 21.26
N VAL B 239 -11.02 -33.86 20.74
CA VAL B 239 -10.01 -32.80 20.48
C VAL B 239 -10.02 -31.64 21.48
N LYS B 240 -10.72 -31.78 22.60
CA LYS B 240 -10.78 -30.71 23.59
C LYS B 240 -9.39 -30.30 24.11
N HIS B 241 -8.44 -31.22 24.10
CA HIS B 241 -7.05 -30.93 24.48
C HIS B 241 -6.26 -30.13 23.43
N LEU B 242 -6.88 -29.82 22.29
CA LEU B 242 -6.30 -28.93 21.28
C LEU B 242 -7.00 -27.57 21.26
N LEU B 243 -8.19 -27.51 21.83
CA LEU B 243 -8.94 -26.24 21.97
C LEU B 243 -8.42 -25.46 23.17
N PRO B 244 -8.46 -24.12 23.10
CA PRO B 244 -8.23 -23.38 24.35
C PRO B 244 -9.26 -23.78 25.41
N GLU B 245 -8.81 -24.04 26.63
CA GLU B 245 -9.74 -24.35 27.74
C GLU B 245 -10.48 -23.08 28.16
N PHE B 246 -9.74 -21.98 28.25
CA PHE B 246 -10.35 -20.67 28.49
C PHE B 246 -11.06 -20.24 27.22
N GLY B 247 -12.36 -20.00 27.33
CA GLY B 247 -13.20 -19.65 26.18
C GLY B 247 -14.21 -18.55 26.48
N LEU B 248 -14.14 -17.48 25.69
CA LEU B 248 -15.17 -16.45 25.64
C LEU B 248 -16.38 -17.02 24.90
N ASP B 249 -17.57 -16.47 25.11
CA ASP B 249 -18.78 -17.04 24.50
C ASP B 249 -18.72 -16.86 22.99
N GLY B 250 -19.22 -17.84 22.23
CA GLY B 250 -19.18 -17.79 20.75
C GLY B 250 -17.79 -17.90 20.12
N TYR B 251 -16.76 -18.13 20.95
CA TYR B 251 -15.40 -18.22 20.46
C TYR B 251 -15.29 -19.46 19.59
N GLN B 252 -14.69 -19.31 18.41
CA GLN B 252 -14.73 -20.35 17.38
C GLN B 252 -13.35 -20.66 16.82
N VAL B 253 -13.07 -21.95 16.66
CA VAL B 253 -11.80 -22.42 16.09
C VAL B 253 -12.07 -23.45 15.00
N GLU B 254 -11.20 -23.45 13.99
CA GLU B 254 -11.16 -24.50 12.98
C GLU B 254 -10.04 -25.47 13.33
N LEU B 255 -10.26 -26.76 13.11
CA LEU B 255 -9.19 -27.75 13.25
C LEU B 255 -9.18 -28.71 12.05
N GLY B 256 -8.06 -28.75 11.34
CA GLY B 256 -7.88 -29.62 10.17
C GLY B 256 -7.38 -30.99 10.61
N LEU B 257 -8.33 -31.81 11.06
CA LEU B 257 -8.06 -33.13 11.62
C LEU B 257 -7.62 -34.08 10.52
N ALA B 258 -8.26 -34.00 9.34
CA ALA B 258 -7.82 -34.79 8.19
C ALA B 258 -6.34 -34.58 7.92
N GLY B 259 -5.91 -33.33 7.90
CA GLY B 259 -4.50 -33.01 7.72
C GLY B 259 -3.59 -33.51 8.83
N LEU B 260 -4.11 -33.60 10.04
CA LEU B 260 -3.31 -34.06 11.18
C LEU B 260 -3.09 -35.56 11.06
N ALA B 261 -4.11 -36.27 10.57
CA ALA B 261 -4.03 -37.70 10.35
C ALA B 261 -2.95 -38.00 9.29
N ILE B 262 -2.99 -37.25 8.19
CA ILE B 262 -1.98 -37.36 7.15
C ILE B 262 -0.59 -37.02 7.70
N SER B 263 -0.51 -35.98 8.53
CA SER B 263 0.76 -35.59 9.12
C SER B 263 1.35 -36.72 9.97
N GLN B 264 0.47 -37.43 10.67
CA GLN B 264 0.87 -38.55 11.52
C GLN B 264 1.36 -39.74 10.71
N GLN B 265 0.72 -40.00 9.56
CA GLN B 265 1.15 -41.09 8.68
C GLN B 265 2.55 -40.82 8.15
N ILE B 266 2.75 -39.61 7.65
CA ILE B 266 4.06 -39.16 7.16
C ILE B 266 5.12 -39.25 8.24
N ALA B 267 4.84 -38.72 9.42
CA ALA B 267 5.79 -38.76 10.54
C ALA B 267 6.19 -40.19 10.87
N ASN B 268 5.22 -41.10 10.85
CA ASN B 268 5.50 -42.50 11.16
C ASN B 268 6.25 -43.23 10.03
N ARG B 269 5.95 -42.89 8.78
CA ARG B 269 6.69 -43.44 7.66
C ARG B 269 8.16 -43.02 7.75
N ILE B 270 8.39 -41.75 8.04
CA ILE B 270 9.74 -41.22 8.20
C ILE B 270 10.44 -41.92 9.38
N ASP B 271 9.70 -42.13 10.48
CA ASP B 271 10.24 -42.83 11.64
C ASP B 271 10.68 -44.24 11.28
N LYS B 272 9.89 -44.93 10.48
CA LYS B 272 10.14 -46.32 10.13
C LYS B 272 11.26 -46.47 9.13
N SER B 273 11.17 -45.73 8.02
CA SER B 273 12.05 -45.96 6.87
C SER B 273 12.86 -44.73 6.41
N GLY B 274 12.73 -43.61 7.13
CA GLY B 274 13.44 -42.37 6.78
C GLY B 274 12.69 -41.54 5.76
N GLY B 275 13.14 -40.30 5.59
CA GLY B 275 12.53 -39.39 4.63
C GLY B 275 12.37 -37.98 5.14
N ALA B 276 11.60 -37.20 4.39
CA ALA B 276 11.30 -35.82 4.76
C ALA B 276 10.08 -35.35 3.96
N ALA B 277 9.26 -34.50 4.56
CA ALA B 277 8.10 -33.95 3.89
C ALA B 277 8.28 -32.45 3.73
N LEU B 278 7.70 -31.91 2.67
CA LEU B 278 7.64 -30.47 2.47
C LEU B 278 6.17 -30.10 2.26
N ILE B 279 5.61 -29.36 3.21
CA ILE B 279 4.21 -28.94 3.15
C ILE B 279 4.19 -27.44 2.95
N ILE B 280 3.58 -27.01 1.85
CA ILE B 280 3.60 -25.62 1.42
C ILE B 280 2.16 -25.17 1.24
N ASP B 281 1.79 -24.08 1.89
CA ASP B 281 0.42 -23.59 1.81
C ASP B 281 0.30 -22.20 2.42
N TYR B 282 -0.82 -21.56 2.16
CA TYR B 282 -1.16 -20.37 2.91
C TYR B 282 -1.76 -20.78 4.25
N GLY B 283 -1.38 -20.06 5.30
CA GLY B 283 -1.76 -20.44 6.66
C GLY B 283 -1.03 -19.64 7.74
N TYR B 284 -1.19 -20.08 8.99
CA TYR B 284 -0.69 -19.35 10.15
C TYR B 284 0.07 -20.24 11.12
N ASP B 285 1.02 -19.67 11.86
CA ASP B 285 1.72 -20.36 12.93
C ASP B 285 0.93 -20.23 14.24
N LYS B 286 -0.40 -20.30 14.15
CA LYS B 286 -1.31 -20.23 15.29
C LYS B 286 -2.59 -20.96 14.95
N ILE B 287 -3.48 -21.10 15.93
CA ILE B 287 -4.79 -21.67 15.66
C ILE B 287 -5.58 -20.74 14.75
N VAL B 288 -6.29 -21.31 13.80
CA VAL B 288 -7.10 -20.51 12.88
C VAL B 288 -8.54 -20.45 13.36
N LYS B 289 -9.03 -19.24 13.65
CA LYS B 289 -10.39 -19.06 14.15
C LYS B 289 -11.44 -19.24 13.03
N SER B 290 -11.28 -18.48 11.97
CA SER B 290 -12.24 -18.48 10.87
C SER B 290 -11.55 -18.20 9.54
N SER B 291 -11.61 -19.17 8.62
CA SER B 291 -10.96 -19.03 7.31
C SER B 291 -11.72 -19.69 6.17
N LEU B 292 -12.46 -20.75 6.44
CA LEU B 292 -13.22 -21.44 5.41
C LEU B 292 -13.88 -20.46 4.43
N GLN B 293 -13.46 -20.52 3.18
CA GLN B 293 -13.99 -19.63 2.12
C GLN B 293 -14.46 -20.46 0.94
N ALA B 294 -15.43 -19.93 0.19
CA ALA B 294 -15.91 -20.55 -1.04
C ALA B 294 -15.80 -19.53 -2.17
N ILE B 295 -15.05 -19.88 -3.20
CA ILE B 295 -14.87 -18.99 -4.36
C ILE B 295 -15.53 -19.61 -5.58
N ARG B 296 -16.11 -18.75 -6.42
CA ARG B 296 -16.73 -19.18 -7.68
C ARG B 296 -16.75 -18.00 -8.66
N ASP B 297 -16.33 -18.23 -9.89
CA ASP B 297 -16.22 -17.18 -10.91
C ASP B 297 -15.52 -15.93 -10.37
N HIS B 298 -14.40 -16.14 -9.67
CA HIS B 298 -13.59 -15.06 -9.11
C HIS B 298 -14.32 -14.17 -8.09
N GLU B 299 -15.33 -14.72 -7.44
CA GLU B 299 -16.06 -14.00 -6.40
C GLU B 299 -16.22 -14.89 -5.18
N PHE B 300 -16.11 -14.25 -4.01
CA PHE B 300 -16.37 -14.90 -2.75
C PHE B 300 -17.87 -15.06 -2.64
N VAL B 301 -18.31 -16.24 -2.20
CA VAL B 301 -19.72 -16.55 -2.07
C VAL B 301 -19.97 -17.37 -0.81
N ASP B 302 -21.24 -17.55 -0.43
CA ASP B 302 -21.56 -18.27 0.79
C ASP B 302 -21.26 -19.73 0.63
N ILE B 303 -20.69 -20.32 1.69
CA ILE B 303 -20.38 -21.74 1.73
C ILE B 303 -21.61 -22.59 1.41
N LEU B 304 -22.79 -22.14 1.78
CA LEU B 304 -24.01 -22.91 1.51
C LEU B 304 -24.76 -22.45 0.27
N ASP B 305 -24.05 -21.85 -0.69
CA ASP B 305 -24.67 -21.36 -1.92
C ASP B 305 -24.39 -22.32 -3.07
N LYS B 306 -25.37 -23.19 -3.35
CA LYS B 306 -25.22 -24.26 -4.35
C LYS B 306 -23.96 -25.10 -4.08
N PRO B 307 -23.91 -25.79 -2.94
CA PRO B 307 -22.70 -26.55 -2.62
C PRO B 307 -22.35 -27.48 -3.77
N GLY B 308 -21.06 -27.65 -4.03
CA GLY B 308 -20.59 -28.38 -5.20
C GLY B 308 -20.08 -27.43 -6.26
N THR B 309 -20.72 -26.26 -6.38
CA THR B 309 -20.39 -25.30 -7.44
C THR B 309 -19.18 -24.39 -7.15
N ALA B 310 -18.78 -24.28 -5.88
CA ALA B 310 -17.67 -23.39 -5.50
C ALA B 310 -16.53 -24.18 -4.89
N ASP B 311 -15.32 -23.65 -5.06
CA ASP B 311 -14.13 -24.25 -4.51
C ASP B 311 -13.98 -23.84 -3.06
N LEU B 312 -13.86 -24.81 -2.17
CA LEU B 312 -13.70 -24.55 -0.75
C LEU B 312 -12.24 -24.54 -0.37
N SER B 313 -11.79 -23.46 0.25
CA SER B 313 -10.44 -23.38 0.79
C SER B 313 -10.46 -23.01 2.26
N VAL B 314 -9.36 -23.34 2.91
CA VAL B 314 -9.16 -23.12 4.34
C VAL B 314 -7.75 -22.56 4.50
N TRP B 315 -7.52 -21.79 5.55
CA TRP B 315 -6.14 -21.44 5.90
C TRP B 315 -5.54 -22.48 6.85
N VAL B 316 -4.33 -22.92 6.54
CA VAL B 316 -3.72 -24.03 7.21
C VAL B 316 -3.15 -23.66 8.58
N ASP B 317 -3.51 -24.44 9.58
CA ASP B 317 -2.95 -24.30 10.91
C ASP B 317 -1.65 -25.11 10.96
N PHE B 318 -0.52 -24.42 10.81
CA PHE B 318 0.82 -25.05 10.83
C PHE B 318 1.25 -25.45 12.24
N GLN B 319 0.84 -24.64 13.21
CA GLN B 319 1.19 -24.87 14.62
C GLN B 319 0.73 -26.24 15.10
N THR B 320 -0.53 -26.57 14.87
CA THR B 320 -1.08 -27.86 15.35
C THR B 320 -0.40 -29.02 14.65
N ILE B 321 -0.09 -28.87 13.35
CA ILE B 321 0.66 -29.88 12.63
C ILE B 321 1.96 -30.16 13.37
N ARG B 322 2.70 -29.10 13.67
CA ARG B 322 4.01 -29.24 14.29
C ARG B 322 3.89 -29.96 15.64
N LYS B 323 2.99 -29.47 16.48
CA LYS B 323 2.77 -30.10 17.79
C LYS B 323 2.36 -31.56 17.64
N THR B 324 1.39 -31.82 16.77
CA THR B 324 0.87 -33.17 16.57
C THR B 324 1.98 -34.16 16.30
N VAL B 325 2.93 -33.77 15.44
CA VAL B 325 4.05 -34.63 15.09
C VAL B 325 4.91 -34.89 16.32
N LYS B 326 5.40 -33.80 16.92
CA LYS B 326 6.23 -33.89 18.12
C LYS B 326 5.59 -34.75 19.21
N LEU B 327 4.27 -34.66 19.32
CA LEU B 327 3.52 -35.45 20.30
C LEU B 327 3.54 -36.96 20.05
N LEU B 328 4.00 -37.41 18.89
CA LEU B 328 4.24 -38.84 18.63
C LEU B 328 5.45 -39.35 19.38
N LYS B 329 6.40 -38.48 19.67
CA LYS B 329 7.57 -38.82 20.48
C LYS B 329 8.35 -40.01 19.91
N ASN B 330 8.63 -39.96 18.61
CA ASN B 330 9.46 -40.97 17.93
C ASN B 330 10.62 -40.24 17.19
N LYS B 331 11.19 -40.87 16.18
CA LYS B 331 12.35 -40.30 15.49
C LYS B 331 12.05 -39.05 14.64
N SER B 332 10.76 -38.78 14.40
CA SER B 332 10.37 -37.65 13.57
C SER B 332 10.16 -36.38 14.38
N THR B 333 10.32 -35.24 13.73
CA THR B 333 10.00 -33.94 14.30
C THR B 333 9.36 -33.10 13.21
N ALA B 334 8.96 -31.87 13.55
CA ALA B 334 8.47 -30.91 12.57
C ALA B 334 9.16 -29.59 12.77
N ILE B 335 9.74 -29.05 11.70
CA ILE B 335 10.50 -27.81 11.78
C ILE B 335 9.86 -26.79 10.85
N GLY B 336 9.56 -25.62 11.40
CA GLY B 336 8.84 -24.57 10.69
C GLY B 336 7.60 -24.11 11.45
N PRO B 337 6.75 -23.29 10.84
CA PRO B 337 6.88 -22.91 9.43
C PRO B 337 7.86 -21.76 9.18
N VAL B 338 8.21 -21.58 7.91
CA VAL B 338 8.99 -20.46 7.42
C VAL B 338 8.23 -19.85 6.26
N ASP B 339 8.42 -18.56 6.03
CA ASP B 339 7.73 -17.88 4.93
C ASP B 339 8.22 -18.39 3.59
N GLN B 340 7.31 -18.52 2.62
CA GLN B 340 7.65 -19.06 1.31
C GLN B 340 8.78 -18.25 0.68
N GLY B 341 8.71 -16.93 0.78
CA GLY B 341 9.74 -16.07 0.26
C GLY B 341 11.12 -16.35 0.83
N ILE B 342 11.18 -16.51 2.14
CA ILE B 342 12.44 -16.75 2.85
C ILE B 342 13.01 -18.13 2.47
N PHE B 343 12.13 -19.11 2.34
CA PHE B 343 12.52 -20.47 1.99
C PHE B 343 13.13 -20.51 0.59
N LEU B 344 12.41 -19.95 -0.38
CA LEU B 344 12.82 -19.95 -1.79
C LEU B 344 14.16 -19.23 -2.03
N LYS B 345 14.36 -18.11 -1.35
CA LYS B 345 15.64 -17.40 -1.41
C LYS B 345 16.76 -18.23 -0.81
N GLU B 346 16.50 -18.85 0.34
CA GLU B 346 17.46 -19.72 1.00
C GLU B 346 17.81 -20.98 0.21
N MET B 347 16.93 -21.37 -0.72
CA MET B 347 17.20 -22.48 -1.63
C MET B 347 17.97 -22.06 -2.86
N GLY B 348 18.12 -20.74 -3.08
CA GLY B 348 18.90 -20.20 -4.18
C GLY B 348 18.11 -19.73 -5.38
N ILE B 349 16.85 -19.36 -5.17
CA ILE B 349 15.98 -18.96 -6.29
C ILE B 349 16.52 -17.77 -7.10
N GLU B 350 17.25 -16.85 -6.46
CA GLU B 350 17.81 -15.70 -7.19
C GLU B 350 18.94 -16.07 -8.14
N HIS B 351 19.68 -17.12 -7.79
CA HIS B 351 20.72 -17.63 -8.68
C HIS B 351 20.08 -18.25 -9.92
N ARG B 352 19.00 -19.02 -9.74
CA ARG B 352 18.33 -19.69 -10.84
C ARG B 352 17.59 -18.68 -11.71
N LEU B 353 16.94 -17.71 -11.06
CA LEU B 353 16.33 -16.58 -11.73
C LEU B 353 17.26 -15.98 -12.79
N ALA B 354 18.49 -15.69 -12.39
CA ALA B 354 19.45 -15.01 -13.26
C ALA B 354 20.09 -15.96 -14.27
N GLN B 355 20.18 -17.24 -13.89
CA GLN B 355 20.68 -18.28 -14.81
C GLN B 355 19.69 -18.55 -15.94
N ILE B 356 18.43 -18.76 -15.58
CA ILE B 356 17.38 -18.94 -16.56
C ILE B 356 17.24 -17.67 -17.40
N GLY B 357 17.14 -16.53 -16.72
CA GLY B 357 17.01 -15.23 -17.38
C GLY B 357 18.11 -14.87 -18.36
N ARG B 358 19.36 -15.22 -18.04
CA ARG B 358 20.50 -14.99 -18.93
C ARG B 358 20.30 -15.73 -20.27
N LYS B 359 19.69 -16.91 -20.22
CA LYS B 359 19.41 -17.71 -21.41
C LYS B 359 18.23 -17.20 -22.25
N LEU B 360 17.28 -16.52 -21.62
CA LEU B 360 16.12 -16.00 -22.35
C LEU B 360 16.51 -14.98 -23.40
N ASP B 361 17.46 -14.10 -23.09
CA ASP B 361 17.94 -13.06 -24.01
C ASP B 361 16.82 -12.33 -24.76
N SER B 362 15.60 -12.40 -24.22
CA SER B 362 14.59 -11.40 -24.49
C SER B 362 14.34 -10.72 -23.16
N ASN B 363 14.50 -9.39 -23.17
CA ASN B 363 14.26 -8.58 -21.98
C ASN B 363 12.78 -8.51 -21.58
N GLU B 364 11.88 -8.57 -22.55
CA GLU B 364 10.45 -8.64 -22.23
C GLU B 364 10.10 -9.96 -21.52
N LYS B 365 10.68 -11.07 -21.99
CA LYS B 365 10.47 -12.36 -21.33
C LYS B 365 11.17 -12.43 -19.98
N PHE B 366 12.31 -11.74 -19.84
CA PHE B 366 13.01 -11.68 -18.56
C PHE B 366 12.12 -11.00 -17.51
N GLU B 367 11.44 -9.93 -17.90
CA GLU B 367 10.53 -9.25 -16.99
C GLU B 367 9.37 -10.17 -16.62
N GLU B 368 8.89 -10.98 -17.55
CA GLU B 368 7.87 -11.99 -17.24
C GLU B 368 8.39 -12.91 -16.13
N LEU B 369 9.58 -13.46 -16.33
CA LEU B 369 10.19 -14.37 -15.37
C LEU B 369 10.38 -13.74 -13.99
N VAL B 370 10.80 -12.49 -13.95
CA VAL B 370 11.04 -11.81 -12.66
C VAL B 370 9.75 -11.51 -11.93
N MET B 371 8.73 -11.08 -12.65
CA MET B 371 7.42 -10.79 -12.06
C MET B 371 6.82 -12.03 -11.39
N GLY B 372 6.99 -13.20 -12.02
CA GLY B 372 6.60 -14.46 -11.43
C GLY B 372 7.43 -14.81 -10.19
N TYR B 373 8.69 -14.43 -10.20
CA TYR B 373 9.56 -14.58 -9.03
C TYR B 373 9.10 -13.66 -7.89
N LYS B 374 8.75 -12.42 -8.23
CA LYS B 374 8.25 -11.46 -7.25
C LYS B 374 6.91 -11.91 -6.66
N LYS B 375 6.03 -12.46 -7.49
CA LYS B 375 4.77 -13.03 -6.99
C LYS B 375 5.06 -14.08 -5.92
N LEU B 376 6.03 -14.94 -6.20
CA LEU B 376 6.41 -16.03 -5.31
C LEU B 376 7.01 -15.55 -3.98
N VAL B 377 7.84 -14.51 -4.00
CA VAL B 377 8.64 -14.14 -2.84
C VAL B 377 8.29 -12.81 -2.13
N ASP B 378 7.67 -11.86 -2.84
CA ASP B 378 7.39 -10.55 -2.25
C ASP B 378 6.29 -10.65 -1.20
N PRO B 379 6.52 -10.12 0.02
CA PRO B 379 5.54 -10.22 1.11
C PRO B 379 4.13 -9.73 0.79
N LYS B 380 4.00 -8.72 -0.05
CA LYS B 380 2.67 -8.24 -0.49
C LYS B 380 1.97 -9.16 -1.50
N GLU B 381 2.66 -10.21 -1.93
CA GLU B 381 2.08 -11.24 -2.80
C GLU B 381 2.03 -12.57 -2.01
N MET B 382 2.65 -13.64 -2.52
CA MET B 382 2.64 -14.95 -1.87
C MET B 382 3.74 -15.13 -0.82
N GLY B 383 4.71 -14.21 -0.80
CA GLY B 383 5.94 -14.37 -0.02
C GLY B 383 5.80 -14.67 1.46
N THR B 384 4.77 -14.12 2.10
CA THR B 384 4.57 -14.27 3.54
C THR B 384 3.30 -15.05 3.89
N ASN B 385 2.22 -14.81 3.15
CA ASN B 385 0.97 -15.57 3.31
C ASN B 385 1.25 -17.06 3.18
N TYR B 386 2.00 -17.43 2.15
CA TYR B 386 2.43 -18.80 1.96
C TYR B 386 3.61 -19.13 2.87
N LYS B 387 3.57 -20.33 3.46
CA LYS B 387 4.57 -20.77 4.40
C LYS B 387 4.93 -22.23 4.17
N VAL B 388 6.10 -22.62 4.66
CA VAL B 388 6.63 -23.95 4.46
C VAL B 388 6.98 -24.57 5.80
N ILE B 389 6.53 -25.81 6.01
CA ILE B 389 6.94 -26.60 7.16
C ILE B 389 7.46 -27.95 6.67
N THR B 390 8.39 -28.54 7.42
CA THR B 390 8.89 -29.88 7.08
C THR B 390 8.66 -30.87 8.21
N ILE B 391 8.33 -32.11 7.84
CA ILE B 391 8.34 -33.23 8.77
C ILE B 391 9.56 -34.04 8.36
N CYS B 392 10.39 -34.41 9.34
CA CYS B 392 11.66 -35.04 9.05
C CYS B 392 12.25 -35.71 10.27
N ASP B 393 13.39 -36.37 10.08
CA ASP B 393 14.11 -37.04 11.15
C ASP B 393 14.82 -36.01 12.02
N LYS B 394 14.74 -36.20 13.33
CA LYS B 394 15.45 -35.36 14.30
C LYS B 394 16.96 -35.27 14.02
N ASN B 395 17.53 -36.37 13.54
CA ASN B 395 18.97 -36.48 13.31
C ASN B 395 19.46 -35.78 12.05
N ILE B 396 18.59 -35.65 11.04
CA ILE B 396 18.99 -35.05 9.77
C ILE B 396 18.48 -33.61 9.68
N THR B 397 19.39 -32.65 9.73
CA THR B 397 19.04 -31.23 9.71
C THR B 397 18.41 -30.83 8.38
N PRO B 398 17.26 -30.14 8.41
CA PRO B 398 16.54 -29.87 7.16
C PRO B 398 17.19 -28.76 6.34
N ILE B 399 16.80 -28.70 5.07
CA ILE B 399 17.34 -27.72 4.13
C ILE B 399 16.29 -26.65 3.85
N GLY B 400 16.67 -25.40 4.04
CA GLY B 400 15.78 -24.25 3.83
C GLY B 400 15.08 -23.71 5.07
N PHE B 401 15.44 -24.20 6.24
CA PHE B 401 14.76 -23.83 7.49
C PHE B 401 15.70 -23.26 8.53
N SER B 402 16.72 -22.54 8.07
CA SER B 402 17.64 -21.89 9.01
C SER B 402 16.94 -20.79 9.81
N THR B 403 15.87 -20.23 9.24
CA THR B 403 15.13 -19.16 9.88
C THR B 403 13.97 -19.66 10.75
N SER B 404 13.81 -20.98 10.86
CA SER B 404 12.70 -21.52 11.64
C SER B 404 12.89 -21.18 13.11
N LYS B 405 11.79 -21.01 13.83
CA LYS B 405 11.82 -20.64 15.24
C LYS B 405 12.03 -21.87 16.10
N THR B 406 12.59 -21.66 17.29
CA THR B 406 12.68 -22.71 18.30
C THR B 406 11.52 -22.50 19.27
N TYR B 407 10.71 -23.55 19.43
CA TYR B 407 9.55 -23.50 20.30
C TYR B 407 9.88 -24.20 21.61
N ASP B 408 10.59 -23.50 22.49
CA ASP B 408 11.20 -24.07 23.69
C ASP B 408 10.17 -24.74 24.63
N ASP B 409 9.00 -24.14 24.73
CA ASP B 409 7.98 -24.64 25.64
C ASP B 409 7.42 -26.00 25.18
N GLU B 410 7.21 -26.17 23.88
CA GLU B 410 6.60 -27.40 23.36
C GLU B 410 7.58 -28.57 23.31
N ASP B 411 8.87 -28.27 23.16
CA ASP B 411 9.90 -29.31 23.25
C ASP B 411 10.09 -29.75 24.71
N LEU B 412 9.06 -30.40 25.24
CA LEU B 412 9.08 -31.16 26.49
C LEU B 412 10.11 -32.27 26.43
N LYS C 13 33.80 -11.36 -4.07
CA LYS C 13 34.13 -11.00 -2.66
C LYS C 13 32.94 -11.23 -1.75
N TYR C 14 31.83 -10.55 -2.06
CA TYR C 14 30.53 -10.62 -1.36
C TYR C 14 30.39 -9.42 -0.41
N PRO C 15 29.20 -9.14 0.14
CA PRO C 15 27.91 -9.72 -0.23
C PRO C 15 26.94 -8.66 -0.79
N ILE C 16 25.80 -9.12 -1.32
CA ILE C 16 24.92 -8.28 -2.15
C ILE C 16 24.04 -7.34 -1.31
N THR C 17 24.03 -6.05 -1.66
CA THR C 17 23.28 -5.04 -0.92
C THR C 17 21.87 -4.86 -1.50
N ASP C 18 20.98 -4.30 -0.67
CA ASP C 18 19.61 -4.00 -1.10
C ASP C 18 19.55 -3.13 -2.35
N PHE C 19 20.47 -2.18 -2.46
CA PHE C 19 20.51 -1.26 -3.59
C PHE C 19 21.00 -1.93 -4.88
N GLU C 20 21.96 -2.85 -4.73
CA GLU C 20 22.49 -3.58 -5.87
C GLU C 20 21.48 -4.61 -6.41
N LYS C 21 20.55 -5.06 -5.57
CA LYS C 21 19.43 -5.91 -6.04
C LYS C 21 18.39 -5.09 -6.79
N TYR C 22 18.09 -3.89 -6.30
CA TYR C 22 17.15 -2.99 -6.97
C TYR C 22 17.69 -2.55 -8.33
N LEU C 23 18.99 -2.25 -8.38
CA LEU C 23 19.55 -1.75 -9.64
C LEU C 23 19.94 -2.90 -10.58
N GLN C 24 20.16 -4.10 -10.05
CA GLN C 24 20.24 -5.28 -10.92
C GLN C 24 18.87 -5.68 -11.47
N ASP C 25 17.79 -5.28 -10.81
CA ASP C 25 16.43 -5.55 -11.32
C ASP C 25 16.08 -4.66 -12.51
N ILE C 26 16.47 -3.39 -12.47
CA ILE C 26 16.33 -2.49 -13.63
C ILE C 26 16.98 -3.11 -14.89
N THR C 27 18.11 -3.77 -14.71
CA THR C 27 18.84 -4.36 -15.83
C THR C 27 18.15 -5.60 -16.37
N LYS C 28 17.46 -6.33 -15.51
CA LYS C 28 16.73 -7.54 -15.92
C LYS C 28 15.54 -7.17 -16.80
N VAL C 29 14.79 -6.16 -16.37
CA VAL C 29 13.53 -5.77 -17.00
C VAL C 29 13.75 -4.90 -18.25
N ARG C 30 14.65 -3.92 -18.15
CA ARG C 30 14.87 -2.94 -19.22
C ARG C 30 16.18 -3.14 -19.99
N GLY C 31 17.00 -4.10 -19.57
CA GLY C 31 18.32 -4.29 -20.19
C GLY C 31 19.36 -3.34 -19.60
N PRO C 32 20.64 -3.51 -19.98
CA PRO C 32 21.70 -2.69 -19.39
C PRO C 32 21.40 -1.19 -19.45
N MET C 33 21.54 -0.52 -18.31
CA MET C 33 21.20 0.90 -18.14
C MET C 33 22.36 1.79 -18.54
N SER C 34 22.07 3.07 -18.80
CA SER C 34 23.13 4.02 -19.13
C SER C 34 23.86 4.45 -17.87
N ILE C 35 25.10 4.92 -18.06
CA ILE C 35 25.90 5.49 -16.97
C ILE C 35 25.10 6.63 -16.34
N ASP C 36 24.37 7.36 -17.17
CA ASP C 36 23.47 8.43 -16.75
C ASP C 36 22.41 7.92 -15.78
N THR C 37 21.71 6.85 -16.17
CA THR C 37 20.70 6.25 -15.30
C THR C 37 21.38 5.73 -14.04
N PHE C 38 22.53 5.08 -14.20
CA PHE C 38 23.28 4.55 -13.08
C PHE C 38 23.63 5.62 -12.03
N ILE C 39 24.18 6.76 -12.47
CA ILE C 39 24.58 7.84 -11.55
C ILE C 39 23.33 8.50 -10.93
N LYS C 40 22.30 8.71 -11.77
CA LYS C 40 21.03 9.25 -11.32
C LYS C 40 20.48 8.46 -10.13
N GLU C 41 20.55 7.14 -10.24
CA GLU C 41 20.10 6.25 -9.17
C GLU C 41 20.99 6.34 -7.94
N VAL C 42 22.30 6.22 -8.12
CA VAL C 42 23.25 6.20 -7.00
C VAL C 42 23.17 7.45 -6.14
N LEU C 43 23.01 8.61 -6.76
CA LEU C 43 22.99 9.88 -6.05
C LEU C 43 21.61 10.30 -5.56
N THR C 44 20.60 10.19 -6.43
CA THR C 44 19.28 10.81 -6.17
C THR C 44 18.12 9.82 -6.04
N ASN C 45 18.42 8.53 -5.90
CA ASN C 45 17.35 7.58 -5.59
C ASN C 45 16.82 7.88 -4.19
N PRO C 46 15.48 7.99 -4.05
CA PRO C 46 14.92 8.48 -2.78
C PRO C 46 14.87 7.49 -1.60
N LYS C 47 15.46 6.30 -1.71
CA LYS C 47 15.81 5.51 -0.53
C LYS C 47 17.33 5.45 -0.34
N TYR C 48 18.00 5.19 -1.45
CA TYR C 48 19.37 4.69 -1.48
C TYR C 48 20.40 5.71 -1.94
N GLY C 49 19.93 6.88 -2.40
CA GLY C 49 20.80 7.90 -2.96
C GLY C 49 21.86 8.39 -1.98
N TYR C 50 23.07 8.62 -2.48
CA TYR C 50 24.17 9.11 -1.66
C TYR C 50 23.79 10.42 -0.99
N TYR C 51 23.30 11.33 -1.78
CA TYR C 51 22.90 12.54 -1.18
C TYR C 51 21.65 11.94 -0.59
N MET C 52 20.85 12.71 0.10
CA MET C 52 19.64 12.19 0.74
C MET C 52 19.92 11.03 1.69
N ASN C 53 20.84 11.23 2.62
CA ASN C 53 21.19 10.20 3.58
C ASN C 53 22.07 10.78 4.68
N LYS C 54 23.17 11.41 4.29
CA LYS C 54 24.11 12.01 5.23
C LYS C 54 24.51 11.03 6.35
N ASP C 55 25.27 11.52 7.33
CA ASP C 55 25.73 10.65 8.40
C ASP C 55 26.64 11.34 9.39
N VAL C 56 26.91 10.61 10.47
CA VAL C 56 27.80 11.03 11.56
C VAL C 56 27.59 12.41 12.24
N PHE C 57 26.54 12.52 13.04
CA PHE C 57 26.20 13.73 13.80
C PHE C 57 26.22 15.04 13.03
N GLY C 58 25.91 16.13 13.75
CA GLY C 58 25.88 17.47 13.18
C GLY C 58 27.13 18.30 13.45
N LYS C 59 28.28 17.80 13.01
CA LYS C 59 29.56 18.50 13.17
C LYS C 59 30.75 17.59 12.92
N GLY C 60 31.09 17.39 11.65
CA GLY C 60 32.22 16.56 11.26
C GLY C 60 32.09 15.75 9.98
N GLY C 61 33.22 15.46 9.35
CA GLY C 61 33.26 14.69 8.12
C GLY C 61 33.47 15.54 6.87
N ASP C 62 32.45 16.29 6.52
CA ASP C 62 32.50 17.20 5.39
C ASP C 62 33.16 16.62 4.15
N PHE C 63 33.56 17.54 3.27
CA PHE C 63 34.24 17.25 2.02
C PHE C 63 35.24 18.33 1.68
N ILE C 64 34.86 19.59 1.80
CA ILE C 64 35.83 20.67 1.45
C ILE C 64 35.71 21.25 0.03
N THR C 65 34.93 22.33 -0.07
CA THR C 65 34.73 23.04 -1.34
C THR C 65 35.17 24.51 -1.24
N ALA C 66 35.18 25.21 -2.37
CA ALA C 66 35.72 26.58 -2.46
C ALA C 66 35.13 27.55 -1.44
N PRO C 67 33.79 27.54 -1.25
CA PRO C 67 33.16 28.36 -0.20
C PRO C 67 33.63 28.01 1.21
N GLU C 68 33.88 26.73 1.47
CA GLU C 68 34.29 26.26 2.78
C GLU C 68 35.76 26.59 3.06
N VAL C 69 36.55 26.80 2.01
CA VAL C 69 37.96 27.18 2.17
C VAL C 69 38.10 28.60 2.70
N SER C 70 37.29 29.52 2.19
CA SER C 70 37.51 30.92 2.41
C SER C 70 36.23 31.69 2.17
N GLN C 71 35.91 32.58 3.12
CA GLN C 71 34.90 33.63 2.90
C GLN C 71 35.24 34.52 1.70
N LEU C 72 36.54 34.62 1.39
CA LEU C 72 37.03 35.31 0.20
C LEU C 72 36.32 34.86 -1.06
N PHE C 73 36.04 33.57 -1.15
CA PHE C 73 35.35 33.04 -2.32
C PHE C 73 33.96 33.66 -2.41
N GLY C 74 33.18 33.49 -1.36
CA GLY C 74 31.80 34.01 -1.34
C GLY C 74 31.72 35.50 -1.56
N GLU C 75 32.70 36.24 -1.04
CA GLU C 75 32.76 37.68 -1.23
C GLU C 75 32.98 38.10 -2.68
N MET C 76 33.88 37.41 -3.37
CA MET C 76 34.13 37.69 -4.78
C MET C 76 32.89 37.37 -5.62
N ILE C 77 32.25 36.24 -5.37
CA ILE C 77 31.02 35.87 -6.07
C ILE C 77 29.94 36.94 -5.83
N GLY C 78 29.90 37.46 -4.60
CA GLY C 78 29.01 38.54 -4.25
C GLY C 78 29.29 39.83 -5.02
N ILE C 79 30.57 40.17 -5.17
CA ILE C 79 30.95 41.34 -5.97
C ILE C 79 30.51 41.14 -7.43
N TRP C 80 30.62 39.90 -7.90
CA TRP C 80 30.18 39.58 -9.25
C TRP C 80 28.67 39.78 -9.42
N CYS C 81 27.89 39.30 -8.46
CA CYS C 81 26.43 39.49 -8.49
C CYS C 81 26.07 40.97 -8.57
N VAL C 82 26.75 41.80 -7.80
CA VAL C 82 26.44 43.23 -7.75
C VAL C 82 26.88 43.91 -9.04
N ALA C 83 28.11 43.63 -9.46
CA ALA C 83 28.64 44.19 -10.70
C ALA C 83 27.77 43.81 -11.90
N THR C 84 27.33 42.56 -11.95
CA THR C 84 26.47 42.06 -13.04
C THR C 84 25.09 42.73 -12.99
N TRP C 85 24.53 42.85 -11.79
CA TRP C 85 23.30 43.60 -11.58
C TRP C 85 23.44 45.03 -12.12
N GLU C 86 24.59 45.66 -11.84
CA GLU C 86 24.88 47.01 -12.34
C GLU C 86 24.88 47.06 -13.86
N ALA C 87 25.56 46.11 -14.49
CA ALA C 87 25.66 46.06 -15.96
C ALA C 87 24.32 45.74 -16.63
N MET C 88 23.47 44.99 -15.95
CA MET C 88 22.12 44.73 -16.43
C MET C 88 21.22 45.98 -16.38
N GLY C 89 21.58 46.94 -15.53
CA GLY C 89 20.86 48.22 -15.42
C GLY C 89 20.12 48.41 -14.11
N LYS C 90 20.68 47.86 -13.03
CA LYS C 90 20.10 47.95 -11.70
C LYS C 90 18.60 47.67 -11.65
N PRO C 91 18.16 46.48 -12.13
CA PRO C 91 16.72 46.17 -12.08
C PRO C 91 16.15 46.30 -10.68
N LYS C 92 14.90 46.77 -10.59
CA LYS C 92 14.27 46.96 -9.29
C LYS C 92 14.02 45.63 -8.58
N LYS C 93 13.73 44.58 -9.34
CA LYS C 93 13.57 43.23 -8.76
C LYS C 93 14.53 42.26 -9.47
N LEU C 94 15.27 41.49 -8.67
CA LEU C 94 16.28 40.57 -9.20
C LEU C 94 16.21 39.25 -8.43
N GLN C 95 16.23 38.13 -9.15
CA GLN C 95 16.30 36.81 -8.53
C GLN C 95 17.72 36.28 -8.52
N ILE C 96 18.09 35.62 -7.42
CA ILE C 96 19.36 34.93 -7.33
C ILE C 96 19.08 33.45 -7.11
N VAL C 97 19.48 32.63 -8.07
CA VAL C 97 19.27 31.19 -8.02
C VAL C 97 20.59 30.48 -7.75
N GLU C 98 20.63 29.61 -6.76
CA GLU C 98 21.79 28.72 -6.62
C GLU C 98 21.35 27.29 -6.88
N MET C 99 22.11 26.61 -7.74
CA MET C 99 21.93 25.20 -8.00
C MET C 99 22.87 24.44 -7.06
N GLY C 100 22.32 23.50 -6.30
CA GLY C 100 23.13 22.66 -5.40
C GLY C 100 23.94 23.47 -4.40
N PRO C 101 23.27 24.19 -3.49
CA PRO C 101 23.94 25.07 -2.53
C PRO C 101 24.78 24.39 -1.46
N GLY C 102 24.64 23.09 -1.26
CA GLY C 102 25.43 22.39 -0.27
C GLY C 102 25.00 22.71 1.14
N ARG C 103 25.92 23.24 1.94
CA ARG C 103 25.61 23.69 3.30
C ARG C 103 24.97 25.08 3.31
N GLY C 104 24.96 25.73 2.15
CA GLY C 104 24.47 27.11 2.05
C GLY C 104 25.56 28.14 2.32
N THR C 105 26.78 27.65 2.50
CA THR C 105 27.90 28.49 2.90
C THR C 105 28.15 29.62 1.90
N LEU C 106 28.11 29.31 0.62
CA LEU C 106 28.35 30.30 -0.42
C LEU C 106 27.31 31.40 -0.35
N MET C 107 26.05 31.00 -0.27
CA MET C 107 24.95 31.96 -0.23
C MET C 107 25.04 32.82 1.03
N LYS C 108 25.43 32.20 2.14
CA LYS C 108 25.56 32.93 3.39
C LYS C 108 26.60 34.04 3.29
N ASP C 109 27.72 33.76 2.64
CA ASP C 109 28.77 34.75 2.47
C ASP C 109 28.28 35.87 1.56
N ILE C 110 27.57 35.51 0.50
CA ILE C 110 27.08 36.48 -0.46
C ILE C 110 26.17 37.47 0.23
N LEU C 111 25.21 36.95 0.98
CA LEU C 111 24.20 37.78 1.62
C LEU C 111 24.79 38.62 2.75
N ARG C 112 25.83 38.10 3.40
CA ARG C 112 26.56 38.84 4.44
C ARG C 112 27.34 39.98 3.82
N SER C 113 28.06 39.67 2.74
CA SER C 113 29.01 40.60 2.12
C SER C 113 28.36 41.65 1.24
N THR C 114 27.20 41.35 0.66
CA THR C 114 26.55 42.30 -0.24
C THR C 114 25.55 43.23 0.46
N LYS C 115 25.46 43.15 1.79
CA LYS C 115 24.50 43.96 2.54
C LYS C 115 24.80 45.46 2.39
N VAL C 116 26.08 45.83 2.33
CA VAL C 116 26.49 47.23 2.16
C VAL C 116 25.95 47.88 0.88
N PHE C 117 25.71 47.08 -0.15
CA PHE C 117 25.16 47.60 -1.40
C PHE C 117 23.63 47.72 -1.28
N LYS C 118 23.22 48.76 -0.56
CA LYS C 118 21.82 48.97 -0.15
C LYS C 118 20.81 48.80 -1.29
N GLU C 119 21.08 49.43 -2.43
CA GLU C 119 20.17 49.42 -3.56
C GLU C 119 20.05 48.02 -4.15
N PHE C 120 21.20 47.35 -4.29
CA PHE C 120 21.25 45.97 -4.74
C PHE C 120 20.50 45.06 -3.76
N TYR C 121 20.80 45.21 -2.46
CA TYR C 121 20.26 44.32 -1.46
C TYR C 121 18.73 44.41 -1.39
N ASP C 122 18.18 45.57 -1.69
CA ASP C 122 16.73 45.78 -1.64
C ASP C 122 16.00 45.17 -2.84
N SER C 123 16.73 44.85 -3.89
CA SER C 123 16.11 44.28 -5.08
C SER C 123 16.10 42.75 -5.13
N ILE C 124 16.86 42.09 -4.26
CA ILE C 124 17.07 40.63 -4.38
C ILE C 124 16.13 39.76 -3.56
N SER C 125 15.70 38.65 -4.17
CA SER C 125 15.19 37.48 -3.45
C SER C 125 15.98 36.27 -3.93
N VAL C 126 15.95 35.20 -3.13
CA VAL C 126 16.79 34.03 -3.39
C VAL C 126 15.97 32.76 -3.63
N HIS C 127 16.42 31.96 -4.58
CA HIS C 127 15.82 30.68 -4.88
C HIS C 127 16.91 29.63 -4.90
N LEU C 128 16.84 28.68 -3.99
CA LEU C 128 17.81 27.60 -3.94
C LEU C 128 17.17 26.38 -4.55
N VAL C 129 17.84 25.79 -5.54
CA VAL C 129 17.39 24.54 -6.16
C VAL C 129 18.18 23.41 -5.52
N GLU C 130 17.47 22.47 -4.91
CA GLU C 130 18.10 21.46 -4.09
C GLU C 130 17.19 20.25 -3.94
N ALA C 131 17.75 19.07 -4.18
CA ALA C 131 16.97 17.84 -4.22
C ALA C 131 17.06 17.04 -2.92
N SER C 132 18.11 17.26 -2.14
CA SER C 132 18.36 16.48 -0.93
C SER C 132 17.70 17.12 0.28
N PRO C 133 16.75 16.42 0.92
CA PRO C 133 16.16 17.01 2.14
C PRO C 133 17.19 17.34 3.23
N ALA C 134 18.22 16.52 3.36
CA ALA C 134 19.27 16.73 4.36
C ALA C 134 20.06 18.00 4.09
N ASN C 135 20.39 18.24 2.83
CA ASN C 135 21.10 19.44 2.46
C ASN C 135 20.18 20.63 2.53
N LYS C 136 18.90 20.41 2.23
CA LYS C 136 17.90 21.45 2.40
C LYS C 136 17.80 21.88 3.86
N LYS C 137 17.81 20.91 4.77
CA LYS C 137 17.74 21.21 6.19
C LYS C 137 18.97 21.97 6.68
N THR C 138 20.15 21.59 6.20
CA THR C 138 21.36 22.27 6.66
C THR C 138 21.33 23.72 6.21
N GLN C 139 21.02 23.92 4.93
CA GLN C 139 20.89 25.24 4.31
C GLN C 139 19.96 26.18 5.07
N LYS C 140 18.81 25.66 5.50
CA LYS C 140 17.82 26.44 6.24
C LYS C 140 18.30 26.82 7.64
N GLN C 141 18.89 25.87 8.36
CA GLN C 141 19.49 26.16 9.66
C GLN C 141 20.60 27.19 9.54
N ASN C 142 21.28 27.18 8.41
CA ASN C 142 22.40 28.07 8.20
C ASN C 142 22.04 29.46 7.65
N LEU C 143 20.87 29.63 7.06
CA LEU C 143 20.51 30.88 6.40
C LEU C 143 19.36 31.67 7.04
N LEU C 144 18.49 30.99 7.80
CA LEU C 144 17.17 31.56 8.14
C LEU C 144 17.03 32.09 9.55
N TYR C 145 16.10 33.01 9.71
CA TYR C 145 15.71 33.57 11.00
C TYR C 145 14.44 32.83 11.40
N PHE C 146 14.47 32.27 12.61
CA PHE C 146 13.39 31.42 13.12
C PHE C 146 12.65 32.04 14.29
N LYS C 147 11.32 32.00 14.22
CA LYS C 147 10.44 32.47 15.29
C LYS C 147 10.03 31.32 16.20
N ASP C 148 10.11 30.08 15.71
CA ASP C 148 9.71 28.92 16.47
C ASP C 148 10.86 27.93 16.69
N LYS C 149 10.74 27.15 17.75
CA LYS C 149 11.74 26.16 18.15
C LYS C 149 11.60 24.92 17.25
N ALA C 150 10.48 24.23 17.37
CA ALA C 150 10.24 22.99 16.66
C ALA C 150 9.96 23.27 15.19
N ILE C 151 10.97 23.12 14.34
CA ILE C 151 10.83 23.32 12.93
C ILE C 151 10.78 21.99 12.22
N ASN C 152 9.72 21.77 11.45
CA ASN C 152 9.73 20.71 10.45
C ASN C 152 10.27 21.31 9.16
N PHE C 153 11.41 20.78 8.73
CA PHE C 153 12.13 21.37 7.59
C PHE C 153 11.56 20.97 6.24
N ASP C 154 10.59 20.05 6.24
CA ASP C 154 9.88 19.65 5.03
C ASP C 154 8.59 20.45 4.76
N HIS C 155 7.95 20.96 5.82
CA HIS C 155 6.82 21.85 5.67
C HIS C 155 7.24 23.17 5.03
N LYS C 156 8.25 23.79 5.63
CA LYS C 156 8.63 25.17 5.27
C LYS C 156 9.40 25.28 3.95
N THR C 157 8.73 25.60 2.86
CA THR C 157 9.41 25.78 1.56
C THR C 157 9.94 27.21 1.35
N ILE C 158 9.47 28.15 2.20
CA ILE C 158 9.91 29.55 2.15
C ILE C 158 10.30 30.03 3.55
N GLY C 159 11.20 31.00 3.59
CA GLY C 159 11.67 31.59 4.84
C GLY C 159 12.28 32.95 4.58
N GLU C 160 12.80 33.54 5.63
CA GLU C 160 13.35 34.88 5.55
C GLU C 160 14.64 34.92 6.34
N THR C 161 15.66 35.56 5.77
CA THR C 161 16.98 35.60 6.36
C THR C 161 16.96 36.60 7.54
N PRO C 162 17.99 36.59 8.41
CA PRO C 162 17.99 37.55 9.52
C PRO C 162 18.10 39.02 9.06
N ASN C 163 18.63 39.28 7.87
CA ASN C 163 18.55 40.59 7.23
C ASN C 163 17.29 40.82 6.36
N GLY C 164 16.27 39.97 6.50
CA GLY C 164 14.99 40.19 5.80
C GLY C 164 14.91 39.76 4.33
N ILE C 165 15.98 39.18 3.79
CA ILE C 165 15.97 38.63 2.43
C ILE C 165 15.13 37.35 2.36
N LYS C 166 14.28 37.26 1.33
CA LYS C 166 13.40 36.12 1.16
C LYS C 166 14.09 34.97 0.40
N VAL C 167 13.98 33.76 0.96
CA VAL C 167 14.61 32.58 0.40
C VAL C 167 13.56 31.49 0.21
N THR C 168 13.40 31.00 -1.01
CA THR C 168 12.47 29.91 -1.31
C THR C 168 13.25 28.69 -1.82
N TRP C 169 12.95 27.52 -1.26
CA TRP C 169 13.55 26.27 -1.72
C TRP C 169 12.63 25.57 -2.71
N VAL C 170 13.22 25.02 -3.76
CA VAL C 170 12.49 24.25 -4.77
C VAL C 170 13.34 23.05 -5.18
N GLY C 171 12.70 22.06 -5.77
CA GLY C 171 13.39 20.82 -6.13
C GLY C 171 14.07 20.84 -7.49
N LYS C 172 13.55 21.66 -8.40
CA LYS C 172 14.03 21.73 -9.78
C LYS C 172 14.09 23.17 -10.27
N LEU C 173 14.94 23.43 -11.26
CA LEU C 173 15.07 24.76 -11.82
C LEU C 173 13.74 25.26 -12.38
N GLU C 174 12.95 24.37 -12.99
CA GLU C 174 11.76 24.91 -13.70
C GLU C 174 10.66 25.41 -12.76
N GLU C 175 10.77 25.23 -11.44
CA GLU C 175 9.80 25.79 -10.49
C GLU C 175 10.08 27.26 -10.13
N VAL C 176 11.29 27.73 -10.43
CA VAL C 176 11.64 29.13 -10.20
C VAL C 176 10.79 30.05 -11.08
N PRO C 177 10.27 31.16 -10.51
CA PRO C 177 9.55 32.11 -11.35
C PRO C 177 10.34 32.55 -12.57
N THR C 178 9.63 32.91 -13.62
CA THR C 178 10.21 33.07 -14.95
C THR C 178 10.38 34.48 -15.55
N ASP C 179 9.45 35.39 -15.26
CA ASP C 179 9.48 36.72 -15.89
C ASP C 179 10.22 37.78 -15.07
N ILE C 180 11.27 37.37 -14.37
CA ILE C 180 12.04 38.29 -13.51
C ILE C 180 13.51 38.11 -13.81
N PRO C 181 14.24 39.22 -14.00
CA PRO C 181 15.70 39.12 -14.18
C PRO C 181 16.34 38.21 -13.13
N THR C 182 17.23 37.31 -13.57
CA THR C 182 17.78 36.28 -12.69
C THR C 182 19.28 36.05 -12.84
N LEU C 183 19.99 36.05 -11.72
CA LEU C 183 21.35 35.52 -11.65
C LEU C 183 21.28 34.04 -11.25
N PHE C 184 22.13 33.21 -11.85
CA PHE C 184 22.20 31.77 -11.59
C PHE C 184 23.60 31.41 -11.12
N LEU C 185 23.69 30.71 -10.00
CA LEU C 185 24.98 30.27 -9.45
C LEU C 185 25.00 28.76 -9.37
N ALA C 186 26.03 28.15 -9.96
CA ALA C 186 26.19 26.70 -9.94
C ALA C 186 27.65 26.36 -9.66
N GLN C 187 27.92 25.96 -8.43
CA GLN C 187 29.27 25.82 -7.92
C GLN C 187 29.45 24.40 -7.39
N GLU C 188 30.30 23.64 -8.07
CA GLU C 188 30.44 22.21 -7.83
C GLU C 188 29.10 21.50 -7.87
N PHE C 189 28.27 21.95 -8.81
CA PHE C 189 26.97 21.37 -9.06
C PHE C 189 27.02 20.45 -10.28
N PHE C 190 27.57 20.97 -11.38
CA PHE C 190 27.72 20.23 -12.63
C PHE C 190 28.56 18.95 -12.55
N ASP C 191 29.58 18.92 -11.72
CA ASP C 191 30.37 17.69 -11.53
C ASP C 191 29.62 16.53 -10.85
N ALA C 192 28.47 16.83 -10.26
CA ALA C 192 27.64 15.82 -9.62
C ALA C 192 26.42 15.45 -10.47
N LEU C 193 26.36 15.99 -11.69
CA LEU C 193 25.28 15.63 -12.60
C LEU C 193 25.62 14.32 -13.33
N PRO C 194 24.60 13.55 -13.72
CA PRO C 194 24.87 12.33 -14.48
C PRO C 194 25.44 12.61 -15.86
N ILE C 195 26.26 11.68 -16.34
CA ILE C 195 26.86 11.75 -17.67
C ILE C 195 26.52 10.48 -18.43
N HIS C 196 26.68 10.52 -19.75
CA HIS C 196 26.70 9.31 -20.57
C HIS C 196 28.15 9.07 -21.00
N VAL C 197 28.51 7.81 -21.23
CA VAL C 197 29.86 7.48 -21.68
C VAL C 197 29.79 6.70 -23.01
N PHE C 198 30.56 7.15 -23.99
CA PHE C 198 30.56 6.55 -25.33
C PHE C 198 31.96 6.03 -25.69
N ARG C 199 32.04 4.93 -26.42
CA ARG C 199 33.32 4.34 -26.82
C ARG C 199 33.29 3.93 -28.28
N PHE C 200 34.34 4.26 -29.02
CA PHE C 200 34.48 3.88 -30.43
C PHE C 200 34.85 2.40 -30.55
N SER C 201 34.20 1.70 -31.48
CA SER C 201 34.57 0.33 -31.84
C SER C 201 34.93 0.26 -33.33
N ARG C 202 36.16 -0.14 -33.65
CA ARG C 202 36.57 -0.31 -35.06
C ARG C 202 35.80 -1.45 -35.72
N GLU C 203 35.48 -2.48 -34.93
CA GLU C 203 34.74 -3.65 -35.43
C GLU C 203 33.39 -3.24 -36.02
N LYS C 204 32.63 -2.44 -35.28
CA LYS C 204 31.39 -1.87 -35.78
C LYS C 204 31.68 -0.62 -36.63
N ASN C 205 32.89 -0.10 -36.48
CA ASN C 205 33.33 1.13 -37.15
C ASN C 205 32.32 2.24 -36.88
N ASP C 206 32.00 2.40 -35.60
CA ASP C 206 30.93 3.27 -35.13
C ASP C 206 31.10 3.43 -33.63
N TRP C 207 30.33 4.34 -33.04
CA TRP C 207 30.34 4.52 -31.60
C TRP C 207 29.38 3.54 -30.92
N CYS C 208 29.77 3.12 -29.72
CA CYS C 208 28.94 2.33 -28.83
C CYS C 208 28.79 3.09 -27.51
N GLU C 209 27.77 2.75 -26.72
CA GLU C 209 27.59 3.35 -25.39
C GLU C 209 28.02 2.37 -24.31
N VAL C 210 28.77 2.86 -23.33
CA VAL C 210 29.15 2.05 -22.18
C VAL C 210 27.96 2.04 -21.25
N LEU C 211 27.53 0.85 -20.88
CA LEU C 211 26.31 0.66 -20.08
C LEU C 211 26.68 -0.11 -18.82
N VAL C 212 25.71 -0.18 -17.91
CA VAL C 212 25.88 -0.93 -16.69
C VAL C 212 24.91 -2.08 -16.73
N ASP C 213 25.41 -3.28 -16.50
CA ASP C 213 24.56 -4.45 -16.49
C ASP C 213 24.83 -5.34 -15.28
N GLU C 214 23.95 -6.30 -15.08
CA GLU C 214 23.95 -7.25 -13.96
C GLU C 214 25.24 -7.91 -13.54
N ASP C 215 25.97 -8.49 -14.47
CA ASP C 215 27.19 -9.20 -14.12
C ASP C 215 26.93 -10.28 -13.10
N ILE C 216 26.73 -11.49 -13.60
CA ILE C 216 26.48 -12.61 -12.73
C ILE C 216 27.50 -13.70 -12.92
N THR C 217 28.64 -13.39 -13.53
CA THR C 217 29.64 -14.43 -13.73
C THR C 217 30.09 -14.91 -12.36
N GLU C 218 31.10 -15.75 -12.33
CA GLU C 218 31.58 -16.26 -11.06
C GLU C 218 32.77 -15.42 -10.66
N HIS C 219 33.62 -15.10 -11.62
CA HIS C 219 34.76 -14.28 -11.33
C HIS C 219 34.27 -12.85 -11.39
N GLY C 220 32.97 -12.66 -11.49
CA GLY C 220 32.48 -11.30 -11.51
C GLY C 220 32.85 -10.65 -10.20
N GLU C 221 33.81 -9.73 -10.28
CA GLU C 221 34.36 -9.07 -9.09
C GLU C 221 33.29 -8.36 -8.24
N TYR C 222 32.28 -7.79 -8.89
CA TYR C 222 31.22 -7.06 -8.24
C TYR C 222 29.90 -7.59 -8.82
N TYR C 223 28.79 -7.15 -8.25
CA TYR C 223 27.46 -7.54 -8.70
C TYR C 223 26.91 -6.68 -9.85
N LEU C 224 27.77 -5.81 -10.40
CA LEU C 224 27.45 -5.05 -11.61
C LEU C 224 28.72 -4.97 -12.44
N ARG C 225 28.59 -4.67 -13.73
CA ARG C 225 29.75 -4.57 -14.61
C ARG C 225 29.52 -3.64 -15.78
N PHE C 226 30.61 -3.07 -16.29
CA PHE C 226 30.55 -2.22 -17.47
C PHE C 226 30.45 -3.05 -18.75
N VAL C 227 29.33 -2.91 -19.45
CA VAL C 227 29.16 -3.56 -20.75
C VAL C 227 29.18 -2.47 -21.83
N GLN C 228 29.14 -2.92 -23.08
CA GLN C 228 29.18 -2.07 -24.26
C GLN C 228 28.02 -2.44 -25.15
N SER C 229 27.31 -1.44 -25.66
CA SER C 229 26.13 -1.67 -26.48
C SER C 229 26.50 -2.32 -27.80
N LYS C 230 25.63 -3.19 -28.30
CA LYS C 230 25.85 -3.83 -29.59
C LYS C 230 25.59 -2.80 -30.68
N GLY C 231 26.60 -1.97 -30.96
CA GLY C 231 26.44 -0.86 -31.89
C GLY C 231 25.83 0.34 -31.20
N PRO C 232 25.42 1.35 -31.97
CA PRO C 232 24.95 2.59 -31.37
C PRO C 232 23.53 2.49 -30.80
N THR C 233 23.39 2.92 -29.54
CA THR C 233 22.09 3.08 -28.90
C THR C 233 21.34 4.27 -29.51
N LEU C 234 20.13 4.52 -29.06
CA LEU C 234 19.35 5.68 -29.52
C LEU C 234 20.09 6.95 -29.13
N MET C 235 20.66 6.95 -27.94
CA MET C 235 21.34 8.12 -27.41
C MET C 235 22.63 8.42 -28.15
N THR C 236 23.42 7.38 -28.48
CA THR C 236 24.65 7.56 -29.27
C THR C 236 24.32 8.31 -30.56
N THR C 237 23.33 7.79 -31.29
CA THR C 237 22.93 8.37 -32.57
C THR C 237 22.41 9.78 -32.38
N ALA C 238 21.57 9.97 -31.38
CA ALA C 238 21.01 11.31 -31.08
C ALA C 238 22.10 12.36 -30.90
N VAL C 239 23.19 12.00 -30.23
CA VAL C 239 24.26 12.96 -29.89
C VAL C 239 25.51 12.84 -30.76
N LYS C 240 25.46 12.07 -31.85
CA LYS C 240 26.63 11.90 -32.71
C LYS C 240 27.19 13.23 -33.24
N HIS C 241 26.34 14.23 -33.40
CA HIS C 241 26.78 15.58 -33.79
C HIS C 241 27.49 16.38 -32.69
N LEU C 242 27.63 15.80 -31.50
CA LEU C 242 28.45 16.36 -30.42
C LEU C 242 29.74 15.55 -30.21
N LEU C 243 29.75 14.31 -30.69
CA LEU C 243 30.90 13.42 -30.57
C LEU C 243 31.95 13.74 -31.62
N PRO C 244 33.24 13.53 -31.28
CA PRO C 244 34.22 13.57 -32.35
C PRO C 244 33.91 12.50 -33.41
N GLU C 245 33.98 12.88 -34.68
CA GLU C 245 33.90 11.92 -35.79
C GLU C 245 35.17 11.06 -35.83
N PHE C 246 36.31 11.71 -35.61
CA PHE C 246 37.62 11.08 -35.45
C PHE C 246 37.59 10.17 -34.21
N GLY C 247 37.81 8.88 -34.42
CA GLY C 247 37.91 7.93 -33.33
C GLY C 247 38.71 6.70 -33.67
N LEU C 248 39.87 6.54 -33.01
CA LEU C 248 40.63 5.29 -32.97
C LEU C 248 39.87 4.28 -32.10
N ASP C 249 40.22 3.00 -32.23
CA ASP C 249 39.56 1.94 -31.45
C ASP C 249 39.71 2.16 -29.94
N GLY C 250 38.63 1.85 -29.21
CA GLY C 250 38.57 2.02 -27.77
C GLY C 250 38.54 3.47 -27.26
N TYR C 251 38.52 4.43 -28.18
CA TYR C 251 38.55 5.84 -27.80
C TYR C 251 37.24 6.17 -27.13
N GLN C 252 37.32 6.85 -25.98
CA GLN C 252 36.16 7.02 -25.09
C GLN C 252 35.94 8.47 -24.71
N VAL C 253 34.68 8.90 -24.74
CA VAL C 253 34.32 10.26 -24.31
C VAL C 253 33.15 10.22 -23.32
N GLU C 254 33.16 11.16 -22.38
CA GLU C 254 32.04 11.40 -21.48
C GLU C 254 31.26 12.61 -21.96
N LEU C 255 29.94 12.60 -21.82
CA LEU C 255 29.09 13.74 -22.21
C LEU C 255 28.01 14.00 -21.17
N GLY C 256 28.02 15.21 -20.59
CA GLY C 256 27.11 15.59 -19.53
C GLY C 256 25.84 16.23 -20.07
N LEU C 257 24.92 15.37 -20.50
CA LEU C 257 23.67 15.81 -21.15
C LEU C 257 22.74 16.51 -20.15
N ALA C 258 22.67 15.98 -18.94
CA ALA C 258 21.88 16.61 -17.87
C ALA C 258 22.29 18.08 -17.72
N GLY C 259 23.60 18.33 -17.67
CA GLY C 259 24.10 19.69 -17.58
C GLY C 259 23.80 20.55 -18.79
N LEU C 260 23.70 19.94 -19.97
CA LEU C 260 23.43 20.68 -21.19
C LEU C 260 21.98 21.13 -21.20
N ALA C 261 21.10 20.26 -20.69
CA ALA C 261 19.68 20.58 -20.58
C ALA C 261 19.48 21.78 -19.64
N ILE C 262 20.15 21.73 -18.49
CA ILE C 262 20.11 22.84 -17.54
C ILE C 262 20.69 24.12 -18.17
N SER C 263 21.78 23.97 -18.91
CA SER C 263 22.40 25.12 -19.58
C SER C 263 21.41 25.79 -20.53
N GLN C 264 20.63 24.97 -21.23
CA GLN C 264 19.63 25.45 -22.17
C GLN C 264 18.47 26.17 -21.46
N GLN C 265 18.06 25.66 -20.30
CA GLN C 265 17.00 26.32 -19.52
C GLN C 265 17.44 27.71 -19.09
N ILE C 266 18.65 27.79 -18.53
CA ILE C 266 19.25 29.06 -18.11
C ILE C 266 19.38 30.03 -19.28
N ALA C 267 19.92 29.56 -20.39
CA ALA C 267 20.08 30.40 -21.58
C ALA C 267 18.74 30.98 -22.04
N ASN C 268 17.70 30.16 -22.01
CA ASN C 268 16.37 30.60 -22.42
C ASN C 268 15.71 31.54 -21.41
N ARG C 269 15.94 31.32 -20.13
CA ARG C 269 15.44 32.23 -19.10
C ARG C 269 16.07 33.61 -19.27
N ILE C 270 17.38 33.64 -19.50
CA ILE C 270 18.09 34.89 -19.75
C ILE C 270 17.57 35.56 -21.02
N ASP C 271 17.30 34.76 -22.05
CA ASP C 271 16.74 35.27 -23.31
C ASP C 271 15.38 35.94 -23.07
N LYS C 272 14.55 35.31 -22.24
CA LYS C 272 13.19 35.79 -21.99
C LYS C 272 13.16 37.01 -21.09
N SER C 273 13.84 36.93 -19.94
CA SER C 273 13.70 37.95 -18.89
C SER C 273 15.00 38.63 -18.45
N GLY C 274 16.12 38.28 -19.09
CA GLY C 274 17.43 38.84 -18.73
C GLY C 274 18.11 38.09 -17.61
N GLY C 275 19.39 38.38 -17.40
CA GLY C 275 20.16 37.74 -16.35
C GLY C 275 21.55 37.30 -16.76
N ALA C 276 22.17 36.50 -15.91
CA ALA C 276 23.50 35.96 -16.15
C ALA C 276 23.75 34.78 -15.21
N ALA C 277 24.49 33.78 -15.70
CA ALA C 277 24.82 32.63 -14.89
C ALA C 277 26.32 32.58 -14.66
N LEU C 278 26.72 32.03 -13.53
CA LEU C 278 28.12 31.79 -13.22
C LEU C 278 28.25 30.32 -12.85
N ILE C 279 28.94 29.56 -13.70
CA ILE C 279 29.12 28.13 -13.50
C ILE C 279 30.59 27.89 -13.19
N ILE C 280 30.83 27.34 -12.01
CA ILE C 280 32.18 27.17 -11.49
C ILE C 280 32.38 25.72 -11.14
N ASP C 281 33.43 25.12 -11.68
CA ASP C 281 33.69 23.71 -11.42
C ASP C 281 35.06 23.31 -11.91
N TYR C 282 35.50 22.14 -11.49
CA TYR C 282 36.67 21.54 -12.09
C TYR C 282 36.25 20.88 -13.40
N GLY C 283 37.09 21.03 -14.42
CA GLY C 283 36.76 20.62 -15.77
C GLY C 283 37.74 21.11 -16.83
N TYR C 284 37.38 20.90 -18.09
CA TYR C 284 38.27 21.18 -19.23
C TYR C 284 37.57 21.98 -20.32
N ASP C 285 38.34 22.78 -21.07
CA ASP C 285 37.82 23.48 -22.25
C ASP C 285 37.92 22.57 -23.48
N LYS C 286 37.64 21.29 -23.29
CA LYS C 286 37.70 20.27 -24.34
C LYS C 286 36.75 19.14 -23.93
N ILE C 287 36.57 18.16 -24.81
CA ILE C 287 35.81 16.98 -24.46
C ILE C 287 36.58 16.19 -23.39
N VAL C 288 35.85 15.66 -22.43
CA VAL C 288 36.48 14.90 -21.35
C VAL C 288 36.42 13.42 -21.67
N LYS C 289 37.58 12.79 -21.75
CA LYS C 289 37.65 11.36 -22.11
C LYS C 289 37.22 10.45 -20.97
N SER C 290 37.88 10.60 -19.83
CA SER C 290 37.67 9.70 -18.70
C SER C 290 37.92 10.43 -17.39
N SER C 291 36.87 10.59 -16.59
CA SER C 291 36.97 11.35 -15.35
C SER C 291 36.10 10.82 -14.21
N LEU C 292 34.96 10.20 -14.53
CA LEU C 292 34.09 9.65 -13.52
C LEU C 292 34.91 8.94 -12.41
N GLN C 293 34.81 9.45 -11.19
CA GLN C 293 35.52 8.90 -10.04
C GLN C 293 34.56 8.66 -8.89
N ALA C 294 34.90 7.72 -8.00
CA ALA C 294 34.10 7.43 -6.82
C ALA C 294 34.99 7.50 -5.59
N ILE C 295 34.64 8.39 -4.66
CA ILE C 295 35.38 8.53 -3.41
C ILE C 295 34.53 8.04 -2.25
N ARG C 296 35.17 7.43 -1.27
CA ARG C 296 34.48 6.95 -0.06
C ARG C 296 35.46 6.94 1.11
N ASP C 297 35.05 7.52 2.24
CA ASP C 297 35.94 7.72 3.38
C ASP C 297 37.25 8.35 2.94
N HIS C 298 37.18 9.34 2.04
CA HIS C 298 38.34 10.08 1.52
C HIS C 298 39.38 9.21 0.79
N GLU C 299 38.92 8.09 0.23
CA GLU C 299 39.78 7.21 -0.57
C GLU C 299 39.10 6.86 -1.88
N PHE C 300 39.89 6.72 -2.94
CA PHE C 300 39.35 6.38 -4.25
C PHE C 300 39.00 4.92 -4.25
N VAL C 301 37.83 4.60 -4.81
CA VAL C 301 37.35 3.21 -4.87
C VAL C 301 36.67 2.95 -6.21
N ASP C 302 36.38 1.68 -6.51
CA ASP C 302 35.76 1.35 -7.79
C ASP C 302 34.33 1.85 -7.85
N ILE C 303 33.95 2.39 -9.00
CA ILE C 303 32.60 2.87 -9.25
C ILE C 303 31.56 1.80 -8.94
N LEU C 304 31.88 0.53 -9.17
CA LEU C 304 30.90 -0.53 -8.92
C LEU C 304 31.13 -1.24 -7.58
N ASP C 305 31.73 -0.56 -6.62
CA ASP C 305 32.00 -1.10 -5.30
C ASP C 305 30.98 -0.56 -4.29
N LYS C 306 29.94 -1.35 -4.03
CA LYS C 306 28.81 -0.94 -3.19
C LYS C 306 28.24 0.41 -3.64
N PRO C 307 27.70 0.46 -4.87
CA PRO C 307 27.14 1.72 -5.35
C PRO C 307 26.14 2.27 -4.36
N GLY C 308 26.12 3.59 -4.20
CA GLY C 308 25.32 4.22 -3.16
C GLY C 308 26.17 4.67 -1.99
N THR C 309 27.19 3.88 -1.66
CA THR C 309 28.12 4.20 -0.57
C THR C 309 29.22 5.20 -0.92
N ALA C 310 29.48 5.46 -2.20
CA ALA C 310 30.54 6.40 -2.59
C ALA C 310 29.99 7.60 -3.37
N ASP C 311 30.68 8.73 -3.25
CA ASP C 311 30.32 9.95 -3.93
C ASP C 311 30.88 9.90 -5.34
N LEU C 312 30.03 10.07 -6.34
CA LEU C 312 30.47 10.09 -7.74
C LEU C 312 30.71 11.51 -8.20
N SER C 313 31.90 11.77 -8.72
CA SER C 313 32.20 13.05 -9.34
C SER C 313 32.71 12.87 -10.76
N VAL C 314 32.58 13.94 -11.54
CA VAL C 314 32.91 13.96 -12.95
C VAL C 314 33.66 15.25 -13.21
N TRP C 315 34.52 15.29 -14.23
CA TRP C 315 35.07 16.57 -14.68
C TRP C 315 34.18 17.19 -15.75
N VAL C 316 33.92 18.47 -15.61
CA VAL C 316 32.96 19.17 -16.44
C VAL C 316 33.52 19.53 -17.82
N ASP C 317 32.74 19.22 -18.84
CA ASP C 317 33.08 19.62 -20.20
C ASP C 317 32.49 21.01 -20.44
N PHE C 318 33.34 22.04 -20.34
CA PHE C 318 32.92 23.44 -20.52
C PHE C 318 32.69 23.79 -21.98
N GLN C 319 33.48 23.18 -22.86
CA GLN C 319 33.40 23.41 -24.30
C GLN C 319 32.01 23.12 -24.85
N THR C 320 31.47 21.94 -24.53
CA THR C 320 30.16 21.54 -25.04
C THR C 320 29.05 22.45 -24.50
N ILE C 321 29.18 22.85 -23.23
CA ILE C 321 28.26 23.80 -22.65
C ILE C 321 28.21 25.05 -23.52
N ARG C 322 29.38 25.61 -23.79
CA ARG C 322 29.46 26.85 -24.52
C ARG C 322 28.81 26.72 -25.89
N LYS C 323 29.21 25.69 -26.64
CA LYS C 323 28.64 25.44 -27.96
C LYS C 323 27.11 25.29 -27.87
N THR C 324 26.66 24.42 -26.96
CA THR C 324 25.25 24.12 -26.82
C THR C 324 24.41 25.40 -26.67
N VAL C 325 24.88 26.34 -25.85
CA VAL C 325 24.17 27.61 -25.66
C VAL C 325 24.12 28.38 -26.96
N LYS C 326 25.30 28.66 -27.53
CA LYS C 326 25.40 29.40 -28.79
C LYS C 326 24.51 28.80 -29.88
N LEU C 327 24.40 27.46 -29.88
CA LEU C 327 23.57 26.76 -30.85
C LEU C 327 22.06 27.03 -30.71
N LEU C 328 21.62 27.64 -29.60
CA LEU C 328 20.24 28.10 -29.47
C LEU C 328 19.94 29.30 -30.35
N LYS C 329 20.97 30.09 -30.65
CA LYS C 329 20.86 31.21 -31.58
C LYS C 329 19.73 32.20 -31.18
N ASN C 330 19.74 32.60 -29.92
CA ASN C 330 18.83 33.62 -29.39
C ASN C 330 19.66 34.73 -28.71
N LYS C 331 19.07 35.48 -27.79
CA LYS C 331 19.76 36.63 -27.18
C LYS C 331 20.88 36.22 -26.20
N SER C 332 20.97 34.94 -25.84
CA SER C 332 22.00 34.47 -24.91
C SER C 332 23.26 34.01 -25.63
N THR C 333 24.38 34.06 -24.92
CA THR C 333 25.65 33.51 -25.39
C THR C 333 26.35 32.87 -24.21
N ALA C 334 27.53 32.29 -24.45
CA ALA C 334 28.35 31.74 -23.38
C ALA C 334 29.79 32.23 -23.55
N ILE C 335 30.34 32.81 -22.48
CA ILE C 335 31.68 33.33 -22.52
C ILE C 335 32.53 32.63 -21.48
N GLY C 336 33.66 32.10 -21.92
CA GLY C 336 34.56 31.31 -21.06
C GLY C 336 34.87 29.95 -21.66
N PRO C 337 35.52 29.07 -20.91
CA PRO C 337 35.83 29.29 -19.51
C PRO C 337 37.09 30.14 -19.25
N VAL C 338 37.24 30.58 -18.01
CA VAL C 338 38.50 31.10 -17.53
C VAL C 338 38.89 30.36 -16.25
N ASP C 339 40.18 30.31 -15.95
CA ASP C 339 40.65 29.62 -14.76
C ASP C 339 40.17 30.34 -13.50
N GLN C 340 39.84 29.57 -12.47
CA GLN C 340 39.29 30.12 -11.24
C GLN C 340 40.23 31.16 -10.64
N GLY C 341 41.52 30.86 -10.65
CA GLY C 341 42.54 31.80 -10.16
C GLY C 341 42.48 33.14 -10.87
N ILE C 342 42.41 33.11 -12.20
CA ILE C 342 42.41 34.33 -13.01
C ILE C 342 41.11 35.12 -12.80
N PHE C 343 39.99 34.42 -12.66
CA PHE C 343 38.70 35.05 -12.44
C PHE C 343 38.69 35.80 -11.10
N LEU C 344 39.08 35.10 -10.04
CA LEU C 344 39.06 35.64 -8.68
C LEU C 344 39.98 36.85 -8.52
N LYS C 345 41.15 36.81 -9.14
CA LYS C 345 42.07 37.96 -9.14
C LYS C 345 41.47 39.14 -9.90
N GLU C 346 40.86 38.86 -11.05
CA GLU C 346 40.20 39.89 -11.85
C GLU C 346 38.98 40.50 -11.16
N MET C 347 38.40 39.80 -10.19
CA MET C 347 37.31 40.34 -9.37
C MET C 347 37.83 41.14 -8.17
N GLY C 348 39.14 41.09 -7.92
CA GLY C 348 39.77 41.86 -6.86
C GLY C 348 40.10 41.11 -5.58
N ILE C 349 40.23 39.79 -5.65
CA ILE C 349 40.44 38.97 -4.45
C ILE C 349 41.69 39.37 -3.65
N GLU C 350 42.75 39.83 -4.31
CA GLU C 350 43.96 40.23 -3.57
C GLU C 350 43.81 41.51 -2.78
N HIS C 351 42.93 42.39 -3.26
CA HIS C 351 42.62 43.61 -2.54
C HIS C 351 41.84 43.28 -1.28
N ARG C 352 40.85 42.36 -1.40
CA ARG C 352 40.03 41.96 -0.25
C ARG C 352 40.85 41.15 0.75
N LEU C 353 41.69 40.25 0.23
CA LEU C 353 42.66 39.52 1.03
C LEU C 353 43.40 40.44 2.02
N ALA C 354 43.94 41.55 1.49
CA ALA C 354 44.77 42.45 2.28
C ALA C 354 43.94 43.39 3.14
N GLN C 355 42.72 43.68 2.69
CA GLN C 355 41.77 44.47 3.48
C GLN C 355 41.27 43.71 4.70
N ILE C 356 40.83 42.47 4.47
CA ILE C 356 40.42 41.60 5.57
C ILE C 356 41.60 41.32 6.49
N GLY C 357 42.72 40.93 5.88
CA GLY C 357 43.94 40.60 6.63
C GLY C 357 44.49 41.73 7.48
N ARG C 358 44.42 42.97 7.00
CA ARG C 358 44.83 44.15 7.77
C ARG C 358 44.05 44.27 9.08
N LYS C 359 42.77 43.89 9.03
CA LYS C 359 41.89 43.93 10.21
C LYS C 359 42.15 42.79 11.22
N LEU C 360 42.65 41.65 10.72
CA LEU C 360 42.88 40.51 11.59
C LEU C 360 43.93 40.80 12.67
N ASP C 361 43.63 40.28 13.86
CA ASP C 361 44.31 40.67 15.11
C ASP C 361 45.31 39.64 15.62
N SER C 362 45.58 38.59 14.85
CA SER C 362 46.19 37.38 15.41
C SER C 362 47.42 36.84 14.69
N ASN C 363 47.50 37.06 13.38
CA ASN C 363 48.63 36.60 12.58
C ASN C 363 48.64 35.10 12.36
N GLU C 364 48.25 34.30 13.34
CA GLU C 364 47.90 32.90 13.01
C GLU C 364 46.62 32.85 12.14
N LYS C 365 45.66 33.73 12.42
CA LYS C 365 44.47 33.90 11.57
C LYS C 365 44.81 34.44 10.18
N PHE C 366 45.81 35.33 10.10
CA PHE C 366 46.26 35.86 8.81
C PHE C 366 46.76 34.74 7.93
N GLU C 367 47.55 33.84 8.53
CA GLU C 367 48.06 32.69 7.78
C GLU C 367 46.91 31.80 7.32
N GLU C 368 45.89 31.65 8.15
CA GLU C 368 44.69 30.92 7.75
C GLU C 368 44.10 31.55 6.49
N LEU C 369 43.88 32.86 6.53
CA LEU C 369 43.30 33.59 5.41
C LEU C 369 44.12 33.44 4.13
N VAL C 370 45.44 33.51 4.24
CA VAL C 370 46.29 33.42 3.06
C VAL C 370 46.29 32.02 2.45
N MET C 371 46.36 31.01 3.31
CA MET C 371 46.37 29.61 2.89
C MET C 371 45.08 29.27 2.10
N GLY C 372 43.95 29.79 2.57
CA GLY C 372 42.69 29.63 1.88
C GLY C 372 42.67 30.36 0.55
N TYR C 373 43.34 31.51 0.49
CA TYR C 373 43.49 32.26 -0.75
C TYR C 373 44.35 31.48 -1.74
N LYS C 374 45.46 30.91 -1.23
CA LYS C 374 46.34 30.10 -2.07
C LYS C 374 45.62 28.86 -2.60
N LYS C 375 44.84 28.20 -1.75
CA LYS C 375 44.08 27.04 -2.21
C LYS C 375 43.20 27.44 -3.40
N LEU C 376 42.54 28.58 -3.27
CA LEU C 376 41.62 29.06 -4.29
C LEU C 376 42.29 29.41 -5.62
N VAL C 377 43.47 30.04 -5.58
CA VAL C 377 44.06 30.66 -6.78
C VAL C 377 45.36 30.04 -7.29
N ASP C 378 46.12 29.34 -6.43
CA ASP C 378 47.41 28.79 -6.86
C ASP C 378 47.19 27.64 -7.84
N PRO C 379 47.90 27.66 -9.00
CA PRO C 379 47.72 26.62 -10.02
C PRO C 379 47.93 25.18 -9.54
N LYS C 380 48.81 24.97 -8.57
CA LYS C 380 49.01 23.62 -7.99
C LYS C 380 47.89 23.18 -7.04
N GLU C 381 46.94 24.07 -6.76
CA GLU C 381 45.73 23.76 -5.99
C GLU C 381 44.50 23.87 -6.92
N MET C 382 43.53 24.70 -6.56
CA MET C 382 42.28 24.84 -7.34
C MET C 382 42.38 25.85 -8.46
N GLY C 383 43.45 26.65 -8.48
CA GLY C 383 43.58 27.81 -9.37
C GLY C 383 43.35 27.60 -10.86
N THR C 384 43.77 26.45 -11.38
CA THR C 384 43.63 26.13 -12.80
C THR C 384 42.68 24.97 -13.08
N ASN C 385 42.70 23.96 -12.21
CA ASN C 385 41.76 22.83 -12.28
C ASN C 385 40.33 23.35 -12.35
N TYR C 386 40.01 24.26 -11.45
CA TYR C 386 38.71 24.91 -11.40
C TYR C 386 38.64 26.01 -12.45
N LYS C 387 37.49 26.11 -13.11
CA LYS C 387 37.28 27.08 -14.17
C LYS C 387 35.89 27.68 -14.08
N VAL C 388 35.72 28.85 -14.69
CA VAL C 388 34.49 29.60 -14.62
C VAL C 388 34.01 29.94 -16.03
N ILE C 389 32.74 29.66 -16.31
CA ILE C 389 32.09 30.09 -17.54
C ILE C 389 30.80 30.84 -17.19
N THR C 390 30.39 31.77 -18.06
CA THR C 390 29.14 32.48 -17.86
C THR C 390 28.18 32.32 -19.04
N ILE C 391 26.89 32.22 -18.73
CA ILE C 391 25.83 32.31 -19.70
C ILE C 391 25.20 33.67 -19.47
N CYS C 392 25.01 34.44 -20.53
CA CYS C 392 24.56 35.83 -20.39
C CYS C 392 24.03 36.37 -21.69
N ASP C 393 23.53 37.60 -21.64
CA ASP C 393 23.00 38.30 -22.79
C ASP C 393 24.13 38.81 -23.65
N LYS C 394 23.99 38.65 -24.97
CA LYS C 394 24.96 39.16 -25.94
C LYS C 394 25.21 40.66 -25.79
N ASN C 395 24.20 41.41 -25.37
CA ASN C 395 24.30 42.87 -25.23
C ASN C 395 25.08 43.34 -24.00
N ILE C 396 25.05 42.54 -22.94
CA ILE C 396 25.61 42.95 -21.65
C ILE C 396 26.94 42.24 -21.43
N THR C 397 28.03 43.01 -21.44
CA THR C 397 29.38 42.47 -21.29
C THR C 397 29.57 41.88 -19.89
N PRO C 398 30.12 40.65 -19.82
CA PRO C 398 30.27 40.00 -18.52
C PRO C 398 31.39 40.59 -17.69
N ILE C 399 31.39 40.29 -16.40
CA ILE C 399 32.41 40.76 -15.47
C ILE C 399 33.30 39.59 -15.08
N GLY C 400 34.62 39.76 -15.25
CA GLY C 400 35.59 38.74 -14.84
C GLY C 400 36.11 37.83 -15.95
N PHE C 401 35.75 38.14 -17.20
CA PHE C 401 36.08 37.28 -18.34
C PHE C 401 36.87 38.02 -19.41
N SER C 402 37.71 38.94 -19.01
CA SER C 402 38.56 39.66 -19.97
C SER C 402 39.58 38.71 -20.62
N THR C 403 39.93 37.63 -19.92
CA THR C 403 40.89 36.66 -20.41
C THR C 403 40.24 35.51 -21.19
N SER C 404 38.92 35.56 -21.39
CA SER C 404 38.25 34.48 -22.11
C SER C 404 38.72 34.47 -23.56
N LYS C 405 38.75 33.29 -24.16
CA LYS C 405 39.23 33.13 -25.53
C LYS C 405 38.12 33.43 -26.53
N THR C 406 38.51 33.80 -27.75
CA THR C 406 37.57 33.95 -28.85
C THR C 406 37.59 32.67 -29.67
N TYR C 407 36.41 32.06 -29.82
CA TYR C 407 36.26 30.81 -30.55
C TYR C 407 35.66 31.14 -31.90
N ASP C 408 36.54 31.53 -32.83
CA ASP C 408 36.13 32.02 -34.15
C ASP C 408 35.30 31.02 -34.95
N ASP C 409 35.59 29.72 -34.80
CA ASP C 409 34.86 28.70 -35.56
C ASP C 409 33.38 28.61 -35.15
N GLU C 410 33.08 28.71 -33.86
CA GLU C 410 31.70 28.54 -33.37
C GLU C 410 30.85 29.78 -33.64
N ASP C 411 31.47 30.96 -33.64
CA ASP C 411 30.77 32.20 -33.95
C ASP C 411 30.52 32.28 -35.47
N LEU C 412 29.68 31.36 -35.97
CA LEU C 412 29.54 31.11 -37.42
C LEU C 412 29.10 32.33 -38.24
N SAH D . -25.63 2.25 5.37
CA SAH D . -25.93 0.82 5.42
CB SAH D . -25.76 0.23 6.82
CG SAH D . -26.34 1.12 7.96
SD SAH D . -26.16 0.28 9.49
C SAH D . -27.34 0.55 4.94
O SAH D . -27.83 -0.58 5.00
OXT SAH D . -28.01 1.46 4.46
C5' SAH D . -24.82 1.15 10.25
C4' SAH D . -23.46 0.78 9.66
O4' SAH D . -22.45 1.59 10.25
C3' SAH D . -23.03 -0.65 9.92
O3' SAH D . -22.32 -1.13 8.77
C2' SAH D . -22.15 -0.56 11.16
O2' SAH D . -21.22 -1.62 11.30
C1' SAH D . -21.48 0.79 10.94
N9 SAH D . -21.11 1.53 12.18
C8 SAH D . -21.86 1.68 13.29
N7 SAH D . -21.21 2.46 14.21
C5 SAH D . -20.04 2.82 13.66
C6 SAH D . -18.86 3.63 14.09
N6 SAH D . -18.86 4.21 15.30
N1 SAH D . -17.83 3.75 13.21
C2 SAH D . -17.85 3.17 11.99
N3 SAH D . -18.88 2.41 11.54
C4 SAH D . -19.97 2.20 12.32
N SAH E . -1.02 -28.90 -6.00
CA SAH E . -1.72 -28.57 -7.24
CB SAH E . -3.23 -28.77 -7.11
CG SAH E . -3.84 -28.26 -5.82
SD SAH E . -5.58 -28.53 -5.90
C SAH E . -1.43 -27.16 -7.67
O SAH E . -2.02 -26.66 -8.63
OXT SAH E . -0.60 -26.49 -7.09
C5' SAH E . -5.83 -29.90 -4.80
C4' SAH E . -5.46 -31.22 -5.47
O4' SAH E . -5.58 -32.27 -4.50
C3' SAH E . -6.36 -31.66 -6.61
O3' SAH E . -5.56 -32.35 -7.58
C2' SAH E . -7.36 -32.59 -5.98
O2' SAH E . -7.96 -33.55 -6.88
C1' SAH E . -6.54 -33.26 -4.90
N9 SAH E . -7.28 -33.70 -3.69
C8 SAH E . -8.23 -33.01 -3.03
N7 SAH E . -8.66 -33.71 -1.94
C5 SAH E . -7.96 -34.85 -1.90
C6 SAH E . -7.88 -36.04 -1.01
N6 SAH E . -8.70 -36.11 0.07
N1 SAH E . -7.01 -37.02 -1.33
C2 SAH E . -6.20 -36.95 -2.41
N3 SAH E . -6.20 -35.90 -3.25
C4 SAH E . -7.04 -34.84 -3.05
N SAH F . 27.96 23.82 -3.91
CA SAH F . 28.10 23.20 -2.60
CB SAH F . 27.66 21.73 -2.61
CG SAH F . 28.12 20.93 -3.81
SD SAH F . 27.62 19.25 -3.61
C SAH F . 29.51 23.30 -2.10
O SAH F . 29.86 22.76 -1.06
OXT SAH F . 30.36 23.94 -2.73
C5' SAH F . 26.27 19.08 -4.74
C4' SAH F . 24.99 19.77 -4.25
O4' SAH F . 23.98 19.73 -5.25
C3' SAH F . 24.37 19.06 -3.04
O3' SAH F . 23.80 20.07 -2.20
C2' SAH F . 23.32 18.14 -3.64
O2' SAH F . 22.26 17.81 -2.74
C1' SAH F . 22.83 18.97 -4.82
N9 SAH F . 22.34 18.20 -5.99
C8 SAH F . 22.90 17.08 -6.52
N7 SAH F . 22.17 16.67 -7.61
C5 SAH F . 21.16 17.53 -7.77
C6 SAH F . 20.03 17.68 -8.72
N6 SAH F . 19.85 16.78 -9.72
N1 SAH F . 19.18 18.72 -8.53
C2 SAH F . 19.34 19.61 -7.53
N3 SAH F . 20.34 19.54 -6.63
C4 SAH F . 21.27 18.54 -6.70
#